data_2ASQ
#
_entry.id   2ASQ
#
loop_
_entity.id
_entity.type
_entity.pdbx_description
1 polymer 'Small ubiquitin-related modifier 1'
2 polymer 'Protein inhibitor of activated STAT2'
#
loop_
_entity_poly.entity_id
_entity_poly.type
_entity_poly.pdbx_seq_one_letter_code
_entity_poly.pdbx_strand_id
1 'polypeptide(L)'
;MSDQEAKPSTEDLGDKKEGEYIKLKVIGQDSSEIHFKVKMTTHLKKLKESYCQRQGVPMNSLRFLFEGQRIADNHTPKEL
GMEEEDVIEVYQEQTGG
;
A
2 'polypeptide(L)' KVDVIDLTIESSSDEEEDPPAKRQM B
#
# COMPACT_ATOMS: atom_id res chain seq x y z
N TYR A 21 7.85 4.07 12.30
CA TYR A 21 6.94 4.27 11.16
C TYR A 21 5.67 3.46 11.35
N ILE A 22 4.66 3.73 10.52
CA ILE A 22 3.39 3.03 10.62
C ILE A 22 3.41 1.78 9.74
N LYS A 23 2.93 0.67 10.27
CA LYS A 23 2.92 -0.56 9.51
C LYS A 23 1.49 -1.02 9.22
N LEU A 24 1.17 -1.13 7.93
CA LEU A 24 -0.13 -1.58 7.48
C LEU A 24 -0.03 -3.02 7.00
N LYS A 25 -1.10 -3.78 7.13
CA LYS A 25 -1.09 -5.17 6.69
C LYS A 25 -1.84 -5.33 5.38
N VAL A 26 -1.14 -5.83 4.36
CA VAL A 26 -1.72 -6.03 3.05
C VAL A 26 -2.25 -7.46 2.93
N ILE A 27 -3.54 -7.59 2.66
CA ILE A 27 -4.15 -8.91 2.54
C ILE A 27 -4.39 -9.26 1.08
N GLY A 28 -3.78 -10.36 0.66
CA GLY A 28 -3.94 -10.82 -0.71
C GLY A 28 -5.02 -11.88 -0.82
N GLN A 29 -5.42 -12.19 -2.04
CA GLN A 29 -6.46 -13.20 -2.27
C GLN A 29 -5.90 -14.60 -2.10
N ASP A 30 -4.58 -14.72 -2.16
CA ASP A 30 -3.92 -16.00 -2.00
C ASP A 30 -3.69 -16.32 -0.51
N SER A 31 -4.47 -15.65 0.34
CA SER A 31 -4.39 -15.82 1.78
C SER A 31 -3.00 -15.48 2.29
N SER A 32 -2.64 -14.22 2.15
CA SER A 32 -1.34 -13.73 2.58
C SER A 32 -1.49 -12.40 3.30
N GLU A 33 -0.67 -12.19 4.32
CA GLU A 33 -0.70 -10.95 5.08
C GLU A 33 0.70 -10.35 5.11
N ILE A 34 0.96 -9.44 4.20
CA ILE A 34 2.26 -8.80 4.09
C ILE A 34 2.31 -7.53 4.94
N HIS A 35 3.47 -7.26 5.52
CA HIS A 35 3.65 -6.06 6.32
C HIS A 35 4.10 -4.91 5.42
N PHE A 36 3.47 -3.75 5.56
CA PHE A 36 3.81 -2.61 4.73
C PHE A 36 4.21 -1.42 5.59
N LYS A 37 5.48 -1.07 5.54
CA LYS A 37 5.99 0.06 6.29
C LYS A 37 5.72 1.37 5.54
N VAL A 38 4.81 2.18 6.08
CA VAL A 38 4.48 3.45 5.47
C VAL A 38 4.91 4.61 6.37
N LYS A 39 5.15 5.77 5.77
CA LYS A 39 5.58 6.94 6.52
C LYS A 39 4.43 7.94 6.63
N MET A 40 4.13 8.36 7.84
CA MET A 40 3.05 9.30 8.08
C MET A 40 3.47 10.71 7.65
N THR A 41 3.27 10.98 6.37
CA THR A 41 3.59 12.27 5.74
C THR A 41 3.85 12.05 4.25
N THR A 42 4.16 10.82 3.90
CA THR A 42 4.43 10.46 2.52
C THR A 42 3.13 10.17 1.78
N HIS A 43 3.02 10.72 0.57
CA HIS A 43 1.84 10.52 -0.26
C HIS A 43 1.67 9.06 -0.60
N LEU A 44 0.45 8.54 -0.44
CA LEU A 44 0.17 7.14 -0.72
C LEU A 44 0.44 6.81 -2.19
N LYS A 45 0.49 7.86 -3.01
CA LYS A 45 0.77 7.72 -4.44
C LYS A 45 2.08 6.94 -4.62
N LYS A 46 3.09 7.36 -3.87
CA LYS A 46 4.41 6.74 -3.94
C LYS A 46 4.36 5.31 -3.41
N LEU A 47 3.66 5.10 -2.31
CA LEU A 47 3.56 3.78 -1.70
C LEU A 47 2.88 2.79 -2.65
N LYS A 48 1.79 3.24 -3.27
CA LYS A 48 1.02 2.40 -4.20
C LYS A 48 1.85 1.96 -5.40
N GLU A 49 2.47 2.91 -6.09
CA GLU A 49 3.26 2.60 -7.28
C GLU A 49 4.46 1.70 -6.97
N SER A 50 5.18 2.03 -5.90
CA SER A 50 6.36 1.25 -5.52
C SER A 50 5.99 -0.17 -5.13
N TYR A 51 4.82 -0.36 -4.52
CA TYR A 51 4.38 -1.68 -4.12
C TYR A 51 4.06 -2.52 -5.36
N CYS A 52 3.48 -1.88 -6.37
CA CYS A 52 3.15 -2.56 -7.61
C CYS A 52 4.42 -3.11 -8.24
N GLN A 53 5.48 -2.30 -8.17
CA GLN A 53 6.77 -2.67 -8.72
C GLN A 53 7.33 -3.89 -7.97
N ARG A 54 7.13 -3.92 -6.66
CA ARG A 54 7.58 -5.04 -5.84
C ARG A 54 6.82 -6.30 -6.24
N GLN A 55 5.56 -6.13 -6.62
CA GLN A 55 4.73 -7.24 -7.05
C GLN A 55 5.20 -7.75 -8.40
N GLY A 56 5.65 -6.84 -9.25
CA GLY A 56 6.13 -7.20 -10.56
C GLY A 56 5.16 -6.80 -11.66
N VAL A 57 4.29 -5.85 -11.34
CA VAL A 57 3.29 -5.37 -12.29
C VAL A 57 3.26 -3.85 -12.31
N PRO A 58 2.80 -3.24 -13.41
CA PRO A 58 2.72 -1.78 -13.53
C PRO A 58 1.61 -1.23 -12.62
N MET A 59 1.64 0.07 -12.38
CA MET A 59 0.64 0.70 -11.54
C MET A 59 -0.71 0.75 -12.25
N ASN A 60 -1.77 0.98 -11.47
CA ASN A 60 -3.15 1.07 -12.00
C ASN A 60 -3.72 -0.31 -12.34
N SER A 61 -2.91 -1.35 -12.15
CA SER A 61 -3.35 -2.71 -12.43
C SER A 61 -4.10 -3.27 -11.23
N LEU A 62 -3.71 -2.80 -10.05
CA LEU A 62 -4.30 -3.26 -8.81
C LEU A 62 -4.94 -2.09 -8.07
N ARG A 63 -6.04 -2.37 -7.39
CA ARG A 63 -6.74 -1.35 -6.62
C ARG A 63 -6.59 -1.63 -5.13
N PHE A 64 -6.28 -0.59 -4.38
CA PHE A 64 -6.10 -0.69 -2.94
C PHE A 64 -7.39 -0.29 -2.25
N LEU A 65 -7.95 -1.22 -1.48
CA LEU A 65 -9.20 -0.97 -0.78
C LEU A 65 -8.98 -0.81 0.71
N PHE A 66 -9.54 0.26 1.25
CA PHE A 66 -9.47 0.56 2.67
C PHE A 66 -10.88 0.79 3.19
N GLU A 67 -11.37 -0.16 3.97
CA GLU A 67 -12.72 -0.10 4.52
C GLU A 67 -13.78 -0.19 3.43
N GLY A 68 -13.37 -0.65 2.25
CA GLY A 68 -14.28 -0.77 1.13
C GLY A 68 -14.05 0.30 0.09
N GLN A 69 -13.52 1.44 0.51
CA GLN A 69 -13.26 2.55 -0.39
C GLN A 69 -11.87 2.39 -1.01
N ARG A 70 -11.73 2.81 -2.25
CA ARG A 70 -10.43 2.70 -2.92
C ARG A 70 -9.52 3.84 -2.50
N ILE A 71 -8.29 3.50 -2.18
CA ILE A 71 -7.31 4.49 -1.78
C ILE A 71 -6.83 5.28 -2.98
N ALA A 72 -7.15 6.56 -3.00
CA ALA A 72 -6.75 7.43 -4.09
C ALA A 72 -5.26 7.72 -4.01
N ASP A 73 -4.68 8.06 -5.16
CA ASP A 73 -3.25 8.35 -5.23
C ASP A 73 -2.92 9.61 -4.44
N ASN A 74 -3.86 10.55 -4.43
CA ASN A 74 -3.69 11.81 -3.74
C ASN A 74 -4.14 11.72 -2.27
N HIS A 75 -3.93 10.57 -1.65
CA HIS A 75 -4.32 10.37 -0.26
C HIS A 75 -3.11 10.16 0.63
N THR A 76 -3.28 10.39 1.91
CA THR A 76 -2.23 10.21 2.89
C THR A 76 -2.77 9.45 4.09
N PRO A 77 -1.89 8.80 4.89
CA PRO A 77 -2.32 8.03 6.07
C PRO A 77 -2.93 8.91 7.16
N LYS A 78 -2.74 10.23 7.03
CA LYS A 78 -3.27 11.19 7.99
C LYS A 78 -4.80 11.24 7.91
N GLU A 79 -5.33 11.11 6.70
CA GLU A 79 -6.75 11.13 6.49
C GLU A 79 -7.29 9.71 6.49
N LEU A 80 -8.61 9.57 6.36
CA LEU A 80 -9.29 8.26 6.34
C LEU A 80 -9.32 7.66 7.75
N GLY A 81 -8.18 7.69 8.42
CA GLY A 81 -8.09 7.14 9.76
C GLY A 81 -7.24 5.90 9.80
N MET A 82 -6.08 5.96 9.17
CA MET A 82 -5.16 4.83 9.14
C MET A 82 -4.41 4.71 10.46
N GLU A 83 -4.36 3.50 10.99
CA GLU A 83 -3.68 3.25 12.25
C GLU A 83 -2.65 2.14 12.10
N GLU A 84 -1.92 1.87 13.17
CA GLU A 84 -0.93 0.80 13.16
C GLU A 84 -1.64 -0.55 13.15
N GLU A 85 -1.08 -1.52 12.43
CA GLU A 85 -1.65 -2.84 12.33
C GLU A 85 -2.97 -2.81 11.58
N ASP A 86 -3.11 -1.83 10.69
CA ASP A 86 -4.32 -1.68 9.90
C ASP A 86 -4.39 -2.74 8.82
N VAL A 87 -5.55 -2.85 8.18
CA VAL A 87 -5.73 -3.86 7.13
C VAL A 87 -6.09 -3.20 5.82
N ILE A 88 -5.32 -3.49 4.78
CA ILE A 88 -5.56 -2.96 3.46
C ILE A 88 -5.67 -4.10 2.45
N GLU A 89 -6.68 -4.05 1.61
CA GLU A 89 -6.90 -5.09 0.62
C GLU A 89 -6.44 -4.65 -0.77
N VAL A 90 -6.02 -5.62 -1.57
CA VAL A 90 -5.55 -5.34 -2.93
C VAL A 90 -6.17 -6.32 -3.92
N TYR A 91 -6.77 -5.79 -4.98
CA TYR A 91 -7.41 -6.62 -6.00
C TYR A 91 -6.99 -6.14 -7.38
N GLN A 92 -7.17 -7.00 -8.38
CA GLN A 92 -6.80 -6.66 -9.74
C GLN A 92 -7.96 -5.98 -10.47
N GLU A 93 -7.64 -4.90 -11.17
CA GLU A 93 -8.64 -4.17 -11.93
C GLU A 93 -9.04 -4.97 -13.16
N GLN A 94 -10.28 -4.80 -13.61
CA GLN A 94 -10.80 -5.53 -14.75
C GLN A 94 -10.03 -5.19 -16.03
N THR A 95 -9.62 -3.92 -16.16
CA THR A 95 -8.89 -3.47 -17.31
C THR A 95 -7.50 -4.10 -17.37
N GLY A 96 -6.92 -4.37 -16.19
CA GLY A 96 -5.61 -4.95 -16.12
C GLY A 96 -4.53 -3.90 -15.95
N GLY A 97 -4.91 -2.63 -16.09
CA GLY A 97 -3.96 -1.56 -15.94
C GLY A 97 -3.39 -1.12 -17.26
N LYS B 1 8.36 -14.13 10.68
CA LYS B 1 7.51 -12.95 10.44
C LYS B 1 7.49 -12.62 8.95
N VAL B 2 6.43 -11.97 8.50
CA VAL B 2 6.32 -11.59 7.11
C VAL B 2 7.20 -10.38 6.83
N ASP B 3 7.72 -10.27 5.62
CA ASP B 3 8.59 -9.16 5.26
C ASP B 3 7.79 -7.85 5.20
N VAL B 4 8.38 -6.79 5.73
CA VAL B 4 7.75 -5.50 5.72
C VAL B 4 8.27 -4.71 4.54
N ILE B 5 7.37 -4.24 3.71
CA ILE B 5 7.73 -3.48 2.53
C ILE B 5 8.28 -2.13 2.93
N ASP B 6 9.60 -1.98 2.82
CA ASP B 6 10.26 -0.75 3.17
C ASP B 6 10.20 0.23 2.02
N LEU B 7 9.34 1.22 2.14
CA LEU B 7 9.22 2.24 1.11
C LEU B 7 9.16 3.62 1.75
N THR B 8 9.50 3.66 3.03
CA THR B 8 9.48 4.91 3.77
C THR B 8 10.65 5.79 3.36
N ILE B 9 10.37 7.06 3.12
CA ILE B 9 11.41 8.00 2.73
C ILE B 9 12.38 8.23 3.88
N GLU B 10 13.46 7.46 3.87
CA GLU B 10 14.51 7.53 4.88
C GLU B 10 15.79 6.98 4.27
N SER B 11 15.75 5.71 3.93
CA SER B 11 16.89 5.06 3.32
C SER B 11 16.67 4.97 1.81
N SER B 12 17.73 5.16 1.04
CA SER B 12 17.64 5.10 -0.41
C SER B 12 17.50 3.66 -0.89
N SER B 13 16.26 3.19 -0.95
CA SER B 13 16.01 1.81 -1.37
C SER B 13 14.93 1.72 -2.45
N ASP B 14 14.64 2.83 -3.11
CA ASP B 14 13.63 2.83 -4.16
C ASP B 14 14.29 2.68 -5.54
N TYR A 21 6.91 3.13 12.76
CA TYR A 21 6.25 3.49 11.49
C TYR A 21 4.91 2.77 11.40
N ILE A 22 4.01 3.30 10.59
CA ILE A 22 2.69 2.69 10.43
C ILE A 22 2.79 1.41 9.60
N LYS A 23 2.39 0.29 10.20
CA LYS A 23 2.42 -0.98 9.51
C LYS A 23 1.03 -1.32 8.96
N LEU A 24 0.97 -1.55 7.66
CA LEU A 24 -0.27 -1.90 7.00
C LEU A 24 -0.21 -3.35 6.55
N LYS A 25 -1.10 -4.18 7.07
CA LYS A 25 -1.12 -5.59 6.70
C LYS A 25 -1.85 -5.76 5.38
N VAL A 26 -1.10 -6.09 4.34
CA VAL A 26 -1.66 -6.32 3.03
C VAL A 26 -2.25 -7.71 2.93
N ILE A 27 -3.55 -7.78 2.75
CA ILE A 27 -4.24 -9.06 2.66
C ILE A 27 -4.69 -9.33 1.23
N GLY A 28 -4.31 -10.50 0.72
CA GLY A 28 -4.68 -10.86 -0.64
C GLY A 28 -5.83 -11.85 -0.66
N GLN A 29 -6.36 -12.14 -1.85
CA GLN A 29 -7.47 -13.07 -1.99
C GLN A 29 -7.06 -14.48 -1.58
N ASP A 30 -5.76 -14.76 -1.63
CA ASP A 30 -5.23 -16.06 -1.26
C ASP A 30 -4.97 -16.12 0.25
N SER A 31 -5.55 -15.17 0.99
CA SER A 31 -5.40 -15.10 2.44
C SER A 31 -3.94 -14.89 2.84
N SER A 32 -3.23 -14.11 2.04
CA SER A 32 -1.82 -13.83 2.29
C SER A 32 -1.68 -12.64 3.24
N GLU A 33 -0.58 -12.63 3.98
CA GLU A 33 -0.32 -11.55 4.93
C GLU A 33 1.06 -10.95 4.66
N ILE A 34 1.08 -9.69 4.27
CA ILE A 34 2.32 -8.99 3.99
C ILE A 34 2.37 -7.71 4.82
N HIS A 35 3.54 -7.39 5.37
CA HIS A 35 3.67 -6.18 6.18
C HIS A 35 4.04 -4.98 5.30
N PHE A 36 3.77 -3.78 5.80
CA PHE A 36 4.07 -2.56 5.06
C PHE A 36 4.59 -1.47 6.00
N LYS A 37 5.80 -0.99 5.76
CA LYS A 37 6.38 0.05 6.59
C LYS A 37 6.24 1.40 5.90
N VAL A 38 5.21 2.15 6.26
CA VAL A 38 4.98 3.46 5.66
C VAL A 38 5.15 4.57 6.69
N LYS A 39 5.31 5.79 6.22
CA LYS A 39 5.50 6.93 7.10
C LYS A 39 4.51 8.03 6.72
N MET A 40 3.98 8.71 7.72
CA MET A 40 3.02 9.78 7.47
C MET A 40 3.75 11.05 7.03
N THR A 41 4.02 11.12 5.74
CA THR A 41 4.71 12.26 5.14
C THR A 41 4.50 12.22 3.63
N THR A 42 4.69 11.04 3.06
CA THR A 42 4.56 10.83 1.63
C THR A 42 3.12 10.44 1.26
N HIS A 43 2.70 10.83 0.05
CA HIS A 43 1.36 10.50 -0.44
C HIS A 43 1.20 9.00 -0.58
N LEU A 44 -0.04 8.52 -0.46
CA LEU A 44 -0.30 7.09 -0.58
C LEU A 44 -0.08 6.61 -2.01
N LYS A 45 0.08 7.54 -2.93
CA LYS A 45 0.35 7.19 -4.32
C LYS A 45 1.70 6.52 -4.43
N LYS A 46 2.62 6.91 -3.54
CA LYS A 46 3.95 6.36 -3.49
C LYS A 46 3.87 4.90 -3.04
N LEU A 47 2.89 4.64 -2.18
CA LEU A 47 2.66 3.30 -1.66
C LEU A 47 2.13 2.39 -2.77
N LYS A 48 1.24 2.94 -3.56
CA LYS A 48 0.63 2.20 -4.66
C LYS A 48 1.66 1.80 -5.73
N GLU A 49 2.44 2.78 -6.20
CA GLU A 49 3.42 2.51 -7.24
C GLU A 49 4.56 1.60 -6.75
N SER A 50 5.05 1.85 -5.54
CA SER A 50 6.15 1.05 -4.99
C SER A 50 5.74 -0.41 -4.85
N TYR A 51 4.49 -0.65 -4.47
CA TYR A 51 4.00 -2.01 -4.31
C TYR A 51 3.92 -2.69 -5.66
N CYS A 52 3.50 -1.95 -6.68
CA CYS A 52 3.40 -2.48 -8.03
C CYS A 52 4.78 -2.89 -8.53
N GLN A 53 5.77 -2.05 -8.25
CA GLN A 53 7.14 -2.31 -8.65
C GLN A 53 7.67 -3.54 -7.92
N ARG A 54 7.25 -3.71 -6.68
CA ARG A 54 7.67 -4.84 -5.86
C ARG A 54 7.08 -6.15 -6.40
N GLN A 55 5.81 -6.10 -6.79
CA GLN A 55 5.13 -7.27 -7.32
C GLN A 55 5.50 -7.52 -8.79
N GLY A 56 6.16 -6.54 -9.40
CA GLY A 56 6.57 -6.67 -10.79
C GLY A 56 5.43 -6.44 -11.75
N VAL A 57 4.51 -5.56 -11.37
CA VAL A 57 3.36 -5.25 -12.21
C VAL A 57 3.31 -3.76 -12.52
N PRO A 58 2.64 -3.37 -13.62
CA PRO A 58 2.51 -1.97 -14.02
C PRO A 58 1.60 -1.19 -13.07
N MET A 59 1.73 0.12 -13.08
CA MET A 59 0.93 0.98 -12.22
C MET A 59 -0.54 0.98 -12.66
N ASN A 60 -1.44 1.09 -11.67
CA ASN A 60 -2.89 1.12 -11.88
C ASN A 60 -3.45 -0.23 -12.31
N SER A 61 -2.69 -1.30 -12.11
CA SER A 61 -3.15 -2.63 -12.45
C SER A 61 -3.82 -3.27 -11.24
N LEU A 62 -3.39 -2.84 -10.06
CA LEU A 62 -3.91 -3.35 -8.81
C LEU A 62 -4.71 -2.27 -8.10
N ARG A 63 -5.81 -2.66 -7.48
CA ARG A 63 -6.63 -1.72 -6.75
C ARG A 63 -6.47 -1.96 -5.25
N PHE A 64 -5.99 -0.95 -4.56
CA PHE A 64 -5.78 -1.02 -3.11
C PHE A 64 -7.03 -0.55 -2.39
N LEU A 65 -7.55 -1.39 -1.50
CA LEU A 65 -8.76 -1.06 -0.77
C LEU A 65 -8.50 -0.92 0.73
N PHE A 66 -9.09 0.12 1.28
CA PHE A 66 -9.00 0.42 2.70
C PHE A 66 -10.40 0.63 3.25
N GLU A 67 -10.88 -0.34 4.03
CA GLU A 67 -12.22 -0.29 4.62
C GLU A 67 -13.30 -0.24 3.54
N GLY A 68 -13.03 -0.94 2.44
CA GLY A 68 -13.99 -0.99 1.34
C GLY A 68 -13.85 0.17 0.36
N GLN A 69 -12.97 1.10 0.68
CA GLN A 69 -12.74 2.27 -0.18
C GLN A 69 -11.42 2.11 -0.93
N ARG A 70 -11.35 2.64 -2.13
CA ARG A 70 -10.12 2.53 -2.91
C ARG A 70 -9.16 3.66 -2.54
N ILE A 71 -7.89 3.33 -2.45
CA ILE A 71 -6.86 4.30 -2.11
C ILE A 71 -6.54 5.22 -3.29
N ALA A 72 -6.86 6.50 -3.14
CA ALA A 72 -6.60 7.47 -4.18
C ALA A 72 -5.16 7.94 -4.10
N ASP A 73 -4.67 8.52 -5.18
CA ASP A 73 -3.28 8.99 -5.25
C ASP A 73 -3.12 10.29 -4.45
N ASN A 74 -4.22 11.01 -4.25
CA ASN A 74 -4.19 12.26 -3.50
C ASN A 74 -4.46 11.99 -2.01
N HIS A 75 -4.61 10.73 -1.65
CA HIS A 75 -4.87 10.35 -0.27
C HIS A 75 -3.57 10.24 0.50
N THR A 76 -3.62 10.57 1.78
CA THR A 76 -2.46 10.50 2.64
C THR A 76 -2.77 9.67 3.88
N PRO A 77 -1.74 9.17 4.58
CA PRO A 77 -1.93 8.36 5.80
C PRO A 77 -2.49 9.19 6.96
N LYS A 78 -2.56 10.50 6.75
CA LYS A 78 -3.09 11.41 7.75
C LYS A 78 -4.61 11.32 7.81
N GLU A 79 -5.22 11.04 6.67
CA GLU A 79 -6.66 10.92 6.57
C GLU A 79 -7.08 9.46 6.54
N LEU A 80 -8.37 9.23 6.27
CA LEU A 80 -8.94 7.88 6.19
C LEU A 80 -9.08 7.23 7.57
N GLY A 81 -8.12 7.49 8.44
CA GLY A 81 -8.15 6.92 9.77
C GLY A 81 -7.16 5.79 9.92
N MET A 82 -6.03 5.91 9.26
CA MET A 82 -4.98 4.89 9.31
C MET A 82 -4.32 4.87 10.69
N GLU A 83 -4.24 3.68 11.27
CA GLU A 83 -3.62 3.50 12.58
C GLU A 83 -2.55 2.42 12.50
N GLU A 84 -1.85 2.22 13.61
CA GLU A 84 -0.80 1.20 13.69
C GLU A 84 -1.40 -0.19 13.51
N GLU A 85 -0.66 -1.06 12.82
CA GLU A 85 -1.09 -2.43 12.56
C GLU A 85 -2.47 -2.46 11.90
N ASP A 86 -2.62 -1.69 10.83
CA ASP A 86 -3.89 -1.65 10.12
C ASP A 86 -3.94 -2.70 9.02
N VAL A 87 -5.01 -2.72 8.24
CA VAL A 87 -5.16 -3.70 7.18
C VAL A 87 -5.51 -3.05 5.85
N ILE A 88 -4.90 -3.54 4.78
CA ILE A 88 -5.14 -3.02 3.43
C ILE A 88 -5.25 -4.20 2.47
N GLU A 89 -6.28 -4.19 1.63
CA GLU A 89 -6.49 -5.27 0.69
C GLU A 89 -6.09 -4.84 -0.72
N VAL A 90 -5.57 -5.77 -1.50
CA VAL A 90 -5.16 -5.48 -2.86
C VAL A 90 -5.73 -6.52 -3.82
N TYR A 91 -6.35 -6.06 -4.89
CA TYR A 91 -6.93 -6.94 -5.89
C TYR A 91 -6.57 -6.45 -7.29
N GLN A 92 -6.72 -7.32 -8.27
CA GLN A 92 -6.40 -6.97 -9.66
C GLN A 92 -7.57 -6.25 -10.32
N GLU A 93 -7.27 -5.17 -11.04
CA GLU A 93 -8.31 -4.41 -11.72
C GLU A 93 -8.75 -5.14 -12.99
N GLN A 94 -10.02 -5.01 -13.33
CA GLN A 94 -10.57 -5.66 -14.52
C GLN A 94 -9.98 -5.05 -15.78
N THR A 95 -9.57 -3.81 -15.70
CA THR A 95 -8.98 -3.11 -16.83
C THR A 95 -7.64 -3.73 -17.23
N GLY A 96 -6.90 -4.20 -16.24
CA GLY A 96 -5.61 -4.81 -16.50
C GLY A 96 -4.47 -3.84 -16.33
N GLY A 97 -4.68 -2.60 -16.72
CA GLY A 97 -3.66 -1.58 -16.59
C GLY A 97 -3.59 -0.70 -17.82
N LYS B 1 4.79 -15.78 4.38
CA LYS B 1 5.90 -14.81 4.15
C LYS B 1 5.41 -13.39 4.39
N VAL B 2 5.80 -12.80 5.52
CA VAL B 2 5.40 -11.46 5.85
C VAL B 2 6.63 -10.58 5.94
N ASP B 3 6.81 -9.73 4.94
CA ASP B 3 7.95 -8.82 4.91
C ASP B 3 7.44 -7.39 4.88
N VAL B 4 8.14 -6.49 5.56
CA VAL B 4 7.71 -5.10 5.62
C VAL B 4 8.41 -4.29 4.55
N ILE B 5 7.68 -3.92 3.52
CA ILE B 5 8.22 -3.10 2.45
C ILE B 5 8.50 -1.69 2.97
N ASP B 6 9.77 -1.29 2.98
CA ASP B 6 10.15 0.03 3.46
C ASP B 6 9.74 1.10 2.47
N LEU B 7 8.71 1.84 2.80
CA LEU B 7 8.27 2.91 1.93
C LEU B 7 8.33 4.24 2.68
N THR B 8 8.90 4.19 3.88
CA THR B 8 9.05 5.38 4.70
C THR B 8 9.98 6.39 4.04
N ILE B 9 9.41 7.42 3.45
CA ILE B 9 10.19 8.46 2.79
C ILE B 9 9.74 9.84 3.28
N GLU B 10 10.67 10.65 3.76
CA GLU B 10 10.34 11.97 4.25
C GLU B 10 10.44 13.01 3.13
N SER B 11 11.46 12.88 2.29
CA SER B 11 11.65 13.81 1.19
C SER B 11 12.12 13.09 -0.08
N SER B 12 13.24 12.38 0.03
CA SER B 12 13.78 11.67 -1.13
C SER B 12 14.87 10.68 -0.71
N SER B 13 16.10 11.17 -0.61
CA SER B 13 17.24 10.33 -0.25
C SER B 13 17.52 10.41 1.25
N ASP B 14 16.49 10.19 2.05
CA ASP B 14 16.63 10.23 3.50
C ASP B 14 16.54 8.82 4.06
N TYR A 21 7.92 2.94 12.41
CA TYR A 21 7.18 3.14 11.14
C TYR A 21 5.85 2.41 11.20
N ILE A 22 4.84 2.96 10.54
CA ILE A 22 3.52 2.36 10.52
C ILE A 22 3.52 1.11 9.64
N LYS A 23 3.16 -0.01 10.22
CA LYS A 23 3.13 -1.25 9.50
C LYS A 23 1.71 -1.57 9.04
N LEU A 24 1.53 -1.67 7.74
CA LEU A 24 0.23 -1.99 7.17
C LEU A 24 0.18 -3.45 6.76
N LYS A 25 -0.96 -4.08 6.97
CA LYS A 25 -1.14 -5.47 6.59
C LYS A 25 -1.85 -5.54 5.23
N VAL A 26 -1.07 -5.84 4.20
CA VAL A 26 -1.61 -5.95 2.85
C VAL A 26 -2.23 -7.33 2.64
N ILE A 27 -3.53 -7.35 2.41
CA ILE A 27 -4.26 -8.59 2.22
C ILE A 27 -4.69 -8.74 0.76
N GLY A 28 -4.28 -9.85 0.15
CA GLY A 28 -4.65 -10.10 -1.22
C GLY A 28 -5.83 -11.03 -1.32
N GLN A 29 -6.29 -11.31 -2.54
CA GLN A 29 -7.44 -12.21 -2.74
C GLN A 29 -7.07 -13.64 -2.38
N ASP A 30 -5.77 -13.92 -2.37
CA ASP A 30 -5.25 -15.24 -2.04
C ASP A 30 -5.08 -15.37 -0.53
N SER A 31 -5.65 -14.41 0.20
CA SER A 31 -5.61 -14.39 1.67
C SER A 31 -4.17 -14.30 2.20
N SER A 32 -3.33 -13.59 1.47
CA SER A 32 -1.95 -13.41 1.88
C SER A 32 -1.83 -12.13 2.69
N GLU A 33 -0.89 -12.09 3.62
CA GLU A 33 -0.69 -10.91 4.44
C GLU A 33 0.75 -10.43 4.33
N ILE A 34 0.94 -9.27 3.75
CA ILE A 34 2.27 -8.71 3.59
C ILE A 34 2.40 -7.47 4.48
N HIS A 35 3.57 -7.28 5.05
CA HIS A 35 3.80 -6.13 5.91
C HIS A 35 4.36 -4.97 5.11
N PHE A 36 3.91 -3.76 5.41
CA PHE A 36 4.35 -2.58 4.68
C PHE A 36 4.77 -1.44 5.60
N LYS A 37 6.03 -0.99 5.47
CA LYS A 37 6.54 0.13 6.26
C LYS A 37 6.09 1.46 5.65
N VAL A 38 5.05 2.05 6.20
CA VAL A 38 4.55 3.33 5.70
C VAL A 38 4.69 4.44 6.75
N LYS A 39 4.59 5.69 6.31
CA LYS A 39 4.72 6.83 7.20
C LYS A 39 3.63 7.85 6.90
N MET A 40 3.12 8.51 7.94
CA MET A 40 2.08 9.50 7.75
C MET A 40 2.71 10.83 7.36
N THR A 41 2.95 10.98 6.06
CA THR A 41 3.54 12.17 5.49
C THR A 41 3.38 12.13 3.97
N THR A 42 3.96 11.10 3.38
CA THR A 42 3.90 10.88 1.95
C THR A 42 2.53 10.34 1.55
N HIS A 43 2.08 10.69 0.35
CA HIS A 43 0.79 10.24 -0.15
C HIS A 43 0.74 8.73 -0.28
N LEU A 44 -0.47 8.17 -0.25
CA LEU A 44 -0.66 6.73 -0.37
C LEU A 44 -0.37 6.27 -1.79
N LYS A 45 -0.13 7.23 -2.66
CA LYS A 45 0.20 6.94 -4.06
C LYS A 45 1.50 6.14 -4.12
N LYS A 46 2.47 6.54 -3.29
CA LYS A 46 3.75 5.86 -3.21
C LYS A 46 3.54 4.43 -2.73
N LEU A 47 2.62 4.28 -1.78
CA LEU A 47 2.29 2.98 -1.21
C LEU A 47 1.78 2.04 -2.31
N LYS A 48 1.01 2.59 -3.24
CA LYS A 48 0.44 1.83 -4.34
C LYS A 48 1.49 1.43 -5.38
N GLU A 49 2.24 2.40 -5.89
CA GLU A 49 3.23 2.13 -6.93
C GLU A 49 4.40 1.28 -6.43
N SER A 50 4.93 1.59 -5.26
CA SER A 50 6.06 0.84 -4.71
C SER A 50 5.71 -0.63 -4.55
N TYR A 51 4.47 -0.92 -4.20
CA TYR A 51 4.04 -2.29 -4.02
C TYR A 51 4.06 -3.01 -5.36
N CYS A 52 3.57 -2.34 -6.39
CA CYS A 52 3.53 -2.89 -7.74
C CYS A 52 4.93 -3.19 -8.24
N GLN A 53 5.90 -2.36 -7.84
CA GLN A 53 7.28 -2.53 -8.25
C GLN A 53 7.85 -3.84 -7.73
N ARG A 54 7.51 -4.19 -6.49
CA ARG A 54 7.98 -5.42 -5.87
C ARG A 54 7.27 -6.62 -6.46
N GLN A 55 6.00 -6.44 -6.82
CA GLN A 55 5.20 -7.51 -7.40
C GLN A 55 5.52 -7.69 -8.89
N GLY A 56 6.30 -6.76 -9.43
CA GLY A 56 6.69 -6.82 -10.82
C GLY A 56 5.55 -6.53 -11.77
N VAL A 57 4.67 -5.62 -11.39
CA VAL A 57 3.54 -5.26 -12.22
C VAL A 57 3.41 -3.74 -12.35
N PRO A 58 2.88 -3.26 -13.49
CA PRO A 58 2.70 -1.82 -13.71
C PRO A 58 1.68 -1.23 -12.76
N MET A 59 1.76 0.08 -12.53
CA MET A 59 0.83 0.75 -11.63
C MET A 59 -0.56 0.80 -12.25
N ASN A 60 -1.58 0.85 -11.39
CA ASN A 60 -2.99 0.91 -11.79
C ASN A 60 -3.53 -0.46 -12.21
N SER A 61 -2.69 -1.49 -12.15
CA SER A 61 -3.13 -2.83 -12.49
C SER A 61 -3.79 -3.46 -11.28
N LEU A 62 -3.41 -2.96 -10.11
CA LEU A 62 -3.95 -3.44 -8.84
C LEU A 62 -4.61 -2.30 -8.10
N ARG A 63 -5.68 -2.62 -7.40
CA ARG A 63 -6.41 -1.62 -6.62
C ARG A 63 -6.24 -1.90 -5.14
N PHE A 64 -6.06 -0.85 -4.36
CA PHE A 64 -5.88 -0.98 -2.93
C PHE A 64 -7.14 -0.50 -2.22
N LEU A 65 -7.67 -1.32 -1.33
CA LEU A 65 -8.89 -0.98 -0.62
C LEU A 65 -8.66 -0.84 0.88
N PHE A 66 -9.20 0.23 1.44
CA PHE A 66 -9.10 0.49 2.86
C PHE A 66 -10.48 0.78 3.42
N GLU A 67 -10.95 -0.10 4.30
CA GLU A 67 -12.26 0.04 4.93
C GLU A 67 -13.39 -0.03 3.89
N GLY A 68 -13.12 -0.71 2.78
CA GLY A 68 -14.12 -0.86 1.74
C GLY A 68 -13.96 0.13 0.60
N GLN A 69 -13.26 1.23 0.85
CA GLN A 69 -13.05 2.25 -0.17
C GLN A 69 -11.67 2.10 -0.80
N ARG A 70 -11.60 2.26 -2.12
CA ARG A 70 -10.33 2.15 -2.81
C ARG A 70 -9.48 3.39 -2.58
N ILE A 71 -8.21 3.17 -2.30
CA ILE A 71 -7.26 4.24 -2.02
C ILE A 71 -6.92 5.04 -3.27
N ALA A 72 -7.08 6.35 -3.19
CA ALA A 72 -6.78 7.23 -4.29
C ALA A 72 -5.35 7.73 -4.18
N ASP A 73 -4.81 8.25 -5.27
CA ASP A 73 -3.43 8.73 -5.30
C ASP A 73 -3.29 10.03 -4.52
N ASN A 74 -4.37 10.78 -4.41
CA ASN A 74 -4.34 12.04 -3.69
C ASN A 74 -4.63 11.81 -2.20
N HIS A 75 -4.77 10.56 -1.81
CA HIS A 75 -5.04 10.22 -0.41
C HIS A 75 -3.75 10.10 0.38
N THR A 76 -3.85 10.36 1.68
CA THR A 76 -2.71 10.30 2.57
C THR A 76 -3.08 9.46 3.81
N PRO A 77 -2.07 8.96 4.56
CA PRO A 77 -2.33 8.17 5.77
C PRO A 77 -2.93 9.02 6.89
N LYS A 78 -2.88 10.33 6.71
CA LYS A 78 -3.42 11.28 7.69
C LYS A 78 -4.94 11.28 7.64
N GLU A 79 -5.49 11.10 6.44
CA GLU A 79 -6.93 11.08 6.27
C GLU A 79 -7.43 9.64 6.38
N LEU A 80 -8.75 9.45 6.31
CA LEU A 80 -9.39 8.12 6.40
C LEU A 80 -9.31 7.55 7.82
N GLY A 81 -8.26 7.91 8.56
CA GLY A 81 -8.10 7.42 9.91
C GLY A 81 -7.20 6.21 9.98
N MET A 82 -6.17 6.18 9.15
CA MET A 82 -5.23 5.06 9.12
C MET A 82 -4.34 5.11 10.35
N GLU A 83 -4.20 3.98 11.04
CA GLU A 83 -3.38 3.92 12.25
C GLU A 83 -2.34 2.81 12.15
N GLU A 84 -1.69 2.52 13.27
CA GLU A 84 -0.65 1.49 13.33
C GLU A 84 -1.28 0.11 13.21
N GLU A 85 -0.57 -0.80 12.51
CA GLU A 85 -1.02 -2.17 12.31
C GLU A 85 -2.37 -2.21 11.58
N ASP A 86 -2.58 -1.24 10.70
CA ASP A 86 -3.83 -1.16 9.95
C ASP A 86 -3.84 -2.19 8.82
N VAL A 87 -4.99 -2.35 8.18
CA VAL A 87 -5.13 -3.33 7.12
C VAL A 87 -5.47 -2.66 5.79
N ILE A 88 -4.87 -3.17 4.72
CA ILE A 88 -5.11 -2.66 3.37
C ILE A 88 -5.21 -3.83 2.41
N GLU A 89 -6.29 -3.88 1.62
CA GLU A 89 -6.49 -4.97 0.69
C GLU A 89 -5.99 -4.61 -0.70
N VAL A 90 -5.54 -5.62 -1.43
CA VAL A 90 -5.04 -5.41 -2.79
C VAL A 90 -5.69 -6.41 -3.75
N TYR A 91 -6.30 -5.90 -4.80
CA TYR A 91 -6.96 -6.75 -5.79
C TYR A 91 -6.55 -6.35 -7.20
N GLN A 92 -6.76 -7.24 -8.16
CA GLN A 92 -6.41 -6.97 -9.54
C GLN A 92 -7.56 -6.25 -10.25
N GLU A 93 -7.25 -5.17 -10.93
CA GLU A 93 -8.25 -4.41 -11.66
C GLU A 93 -8.65 -5.14 -12.93
N GLN A 94 -9.93 -5.11 -13.25
CA GLN A 94 -10.47 -5.77 -14.43
C GLN A 94 -9.79 -5.26 -15.69
N THR A 95 -9.47 -3.97 -15.71
CA THR A 95 -8.81 -3.35 -16.85
C THR A 95 -7.41 -3.93 -17.09
N GLY A 96 -6.76 -4.38 -16.01
CA GLY A 96 -5.43 -4.94 -16.12
C GLY A 96 -4.34 -3.89 -16.03
N GLY A 97 -4.75 -2.64 -15.91
CA GLY A 97 -3.79 -1.55 -15.82
C GLY A 97 -3.73 -0.76 -17.09
N LYS B 1 5.50 -14.48 10.47
CA LYS B 1 6.47 -13.38 10.21
C LYS B 1 6.55 -13.10 8.72
N VAL B 2 6.17 -11.89 8.33
CA VAL B 2 6.20 -11.49 6.93
C VAL B 2 7.16 -10.32 6.75
N ASP B 3 7.80 -10.25 5.59
CA ASP B 3 8.72 -9.17 5.30
C ASP B 3 7.98 -7.85 5.15
N VAL B 4 8.60 -6.78 5.60
CA VAL B 4 8.01 -5.47 5.53
C VAL B 4 8.70 -4.65 4.46
N ILE B 5 7.95 -4.23 3.45
CA ILE B 5 8.52 -3.44 2.37
C ILE B 5 8.88 -2.06 2.89
N ASP B 6 10.17 -1.73 2.81
CA ASP B 6 10.68 -0.46 3.29
C ASP B 6 10.36 0.65 2.32
N LEU B 7 9.64 1.66 2.81
CA LEU B 7 9.30 2.80 1.98
C LEU B 7 9.76 4.08 2.68
N THR B 8 10.73 3.92 3.58
CA THR B 8 11.28 5.03 4.33
C THR B 8 12.41 5.73 3.59
N ILE B 9 13.15 4.98 2.78
CA ILE B 9 14.26 5.55 2.04
C ILE B 9 13.75 6.27 0.80
N GLU B 10 13.25 7.48 1.01
CA GLU B 10 12.72 8.29 -0.07
C GLU B 10 13.82 9.18 -0.62
N SER B 11 14.76 9.54 0.25
CA SER B 11 15.88 10.38 -0.13
C SER B 11 17.17 9.57 -0.07
N SER B 12 17.53 8.96 -1.19
CA SER B 12 18.73 8.14 -1.28
C SER B 12 19.95 8.96 -0.87
N SER B 13 20.55 8.58 0.25
CA SER B 13 21.72 9.26 0.77
C SER B 13 22.95 8.37 0.60
N ASP B 14 22.71 7.09 0.38
CA ASP B 14 23.79 6.13 0.20
C ASP B 14 23.53 5.34 -1.08
N TYR A 21 6.98 5.23 12.69
CA TYR A 21 6.48 4.92 11.33
C TYR A 21 5.31 3.95 11.44
N ILE A 22 4.36 4.06 10.53
CA ILE A 22 3.18 3.21 10.53
C ILE A 22 3.37 1.98 9.66
N LYS A 23 3.05 0.82 10.21
CA LYS A 23 3.16 -0.43 9.48
C LYS A 23 1.78 -0.98 9.17
N LEU A 24 1.47 -1.10 7.90
CA LEU A 24 0.17 -1.61 7.46
C LEU A 24 0.29 -3.07 7.04
N LYS A 25 -0.81 -3.80 7.20
CA LYS A 25 -0.84 -5.21 6.83
C LYS A 25 -1.60 -5.36 5.52
N VAL A 26 -0.88 -5.71 4.46
CA VAL A 26 -1.48 -5.88 3.15
C VAL A 26 -1.98 -7.31 2.97
N ILE A 27 -3.25 -7.45 2.64
CA ILE A 27 -3.86 -8.75 2.44
C ILE A 27 -4.24 -8.94 0.98
N GLY A 28 -3.73 -10.00 0.38
CA GLY A 28 -4.05 -10.29 -1.00
C GLY A 28 -5.26 -11.19 -1.14
N GLN A 29 -5.65 -11.48 -2.37
CA GLN A 29 -6.83 -12.31 -2.63
C GLN A 29 -6.55 -13.77 -2.24
N ASP A 30 -5.29 -14.17 -2.30
CA ASP A 30 -4.92 -15.55 -1.95
C ASP A 30 -4.64 -15.67 -0.45
N SER A 31 -5.25 -14.79 0.34
CA SER A 31 -5.07 -14.77 1.79
C SER A 31 -3.61 -14.50 2.16
N SER A 32 -2.96 -13.69 1.35
CA SER A 32 -1.56 -13.36 1.57
C SER A 32 -1.44 -12.21 2.56
N GLU A 33 -0.36 -12.20 3.31
CA GLU A 33 -0.13 -11.16 4.32
C GLU A 33 1.28 -10.61 4.18
N ILE A 34 1.37 -9.32 3.92
CA ILE A 34 2.65 -8.65 3.79
C ILE A 34 2.65 -7.38 4.63
N HIS A 35 3.77 -7.10 5.30
CA HIS A 35 3.86 -5.91 6.11
C HIS A 35 4.38 -4.76 5.27
N PHE A 36 3.83 -3.58 5.48
CA PHE A 36 4.23 -2.42 4.71
C PHE A 36 4.61 -1.26 5.63
N LYS A 37 5.89 -0.99 5.73
CA LYS A 37 6.37 0.12 6.54
C LYS A 37 6.20 1.43 5.78
N VAL A 38 5.19 2.20 6.15
CA VAL A 38 4.90 3.46 5.48
C VAL A 38 5.23 4.65 6.38
N LYS A 39 5.42 5.80 5.78
CA LYS A 39 5.71 7.02 6.52
C LYS A 39 4.49 7.91 6.59
N MET A 40 4.11 8.30 7.80
CA MET A 40 2.95 9.16 7.97
C MET A 40 3.33 10.59 7.60
N THR A 41 3.24 10.86 6.30
CA THR A 41 3.57 12.16 5.69
C THR A 41 3.62 11.97 4.17
N THR A 42 4.11 10.81 3.76
CA THR A 42 4.21 10.47 2.35
C THR A 42 2.86 10.10 1.78
N HIS A 43 2.62 10.44 0.52
CA HIS A 43 1.36 10.14 -0.14
C HIS A 43 1.22 8.65 -0.38
N LEU A 44 -0.01 8.17 -0.34
CA LEU A 44 -0.28 6.75 -0.54
C LEU A 44 0.04 6.32 -1.98
N LYS A 45 0.22 7.29 -2.86
CA LYS A 45 0.58 7.02 -4.25
C LYS A 45 1.91 6.29 -4.29
N LYS A 46 2.83 6.70 -3.42
CA LYS A 46 4.15 6.12 -3.32
C LYS A 46 4.06 4.63 -2.95
N LEU A 47 3.18 4.33 -2.01
CA LEU A 47 2.99 2.96 -1.55
C LEU A 47 2.41 2.10 -2.66
N LYS A 48 1.45 2.67 -3.39
CA LYS A 48 0.79 1.96 -4.47
C LYS A 48 1.75 1.60 -5.60
N GLU A 49 2.49 2.59 -6.09
CA GLU A 49 3.43 2.37 -7.20
C GLU A 49 4.53 1.38 -6.84
N SER A 50 5.15 1.55 -5.68
CA SER A 50 6.23 0.68 -5.25
C SER A 50 5.74 -0.74 -5.02
N TYR A 51 4.50 -0.88 -4.56
CA TYR A 51 3.94 -2.19 -4.31
C TYR A 51 3.80 -2.92 -5.64
N CYS A 52 3.38 -2.19 -6.66
CA CYS A 52 3.23 -2.75 -8.00
C CYS A 52 4.58 -3.17 -8.53
N GLN A 53 5.61 -2.38 -8.22
CA GLN A 53 6.97 -2.68 -8.65
C GLN A 53 7.47 -3.97 -8.00
N ARG A 54 7.15 -4.15 -6.72
CA ARG A 54 7.55 -5.35 -5.99
C ARG A 54 6.84 -6.58 -6.53
N GLN A 55 5.56 -6.43 -6.87
CA GLN A 55 4.78 -7.54 -7.38
C GLN A 55 5.06 -7.79 -8.87
N GLY A 56 5.79 -6.86 -9.48
CA GLY A 56 6.14 -6.99 -10.88
C GLY A 56 4.96 -6.74 -11.80
N VAL A 57 4.11 -5.80 -11.43
CA VAL A 57 2.94 -5.47 -12.23
C VAL A 57 2.91 -3.98 -12.55
N PRO A 58 2.30 -3.59 -13.68
CA PRO A 58 2.21 -2.19 -14.09
C PRO A 58 1.31 -1.39 -13.15
N MET A 59 1.48 -0.08 -13.12
CA MET A 59 0.70 0.79 -12.27
C MET A 59 -0.78 0.75 -12.65
N ASN A 60 -1.65 0.82 -11.64
CA ASN A 60 -3.11 0.83 -11.83
C ASN A 60 -3.68 -0.55 -12.18
N SER A 61 -2.82 -1.56 -12.24
CA SER A 61 -3.28 -2.90 -12.56
C SER A 61 -3.98 -3.50 -11.34
N LEU A 62 -3.60 -3.02 -10.17
CA LEU A 62 -4.18 -3.48 -8.92
C LEU A 62 -4.85 -2.32 -8.19
N ARG A 63 -5.88 -2.64 -7.43
CA ARG A 63 -6.61 -1.63 -6.67
C ARG A 63 -6.40 -1.88 -5.18
N PHE A 64 -6.28 -0.80 -4.44
CA PHE A 64 -6.08 -0.89 -3.00
C PHE A 64 -7.35 -0.46 -2.27
N LEU A 65 -7.97 -1.40 -1.58
CA LEU A 65 -9.20 -1.11 -0.87
C LEU A 65 -8.97 -1.05 0.64
N PHE A 66 -9.33 0.07 1.23
CA PHE A 66 -9.19 0.29 2.66
C PHE A 66 -10.54 0.65 3.25
N GLU A 67 -11.10 -0.25 4.06
CA GLU A 67 -12.39 -0.04 4.71
C GLU A 67 -13.51 0.12 3.68
N GLY A 68 -13.30 -0.43 2.48
CA GLY A 68 -14.31 -0.33 1.44
C GLY A 68 -14.07 0.85 0.52
N GLN A 69 -13.09 1.67 0.87
CA GLN A 69 -12.74 2.84 0.07
C GLN A 69 -11.46 2.59 -0.71
N ARG A 70 -11.44 2.93 -1.99
CA ARG A 70 -10.24 2.72 -2.79
C ARG A 70 -9.22 3.82 -2.50
N ILE A 71 -8.00 3.40 -2.24
CA ILE A 71 -6.92 4.31 -1.93
C ILE A 71 -6.54 5.16 -3.15
N ALA A 72 -6.83 6.44 -3.06
CA ALA A 72 -6.51 7.37 -4.13
C ALA A 72 -5.05 7.78 -4.06
N ASP A 73 -4.51 8.22 -5.19
CA ASP A 73 -3.10 8.64 -5.27
C ASP A 73 -2.86 9.91 -4.47
N ASN A 74 -3.90 10.71 -4.30
CA ASN A 74 -3.79 11.97 -3.57
C ASN A 74 -4.15 11.78 -2.10
N HIS A 75 -4.27 10.54 -1.66
CA HIS A 75 -4.62 10.26 -0.29
C HIS A 75 -3.36 10.10 0.56
N THR A 76 -3.53 10.30 1.86
CA THR A 76 -2.43 10.19 2.80
C THR A 76 -2.88 9.46 4.06
N PRO A 77 -1.95 8.86 4.83
CA PRO A 77 -2.28 8.12 6.06
C PRO A 77 -2.96 9.01 7.11
N LYS A 78 -2.79 10.32 6.97
CA LYS A 78 -3.38 11.28 7.90
C LYS A 78 -4.91 11.22 7.83
N GLU A 79 -5.43 11.00 6.64
CA GLU A 79 -6.88 10.94 6.45
C GLU A 79 -7.34 9.49 6.50
N LEU A 80 -8.67 9.29 6.40
CA LEU A 80 -9.28 7.96 6.42
C LEU A 80 -9.20 7.31 7.81
N GLY A 81 -8.44 7.93 8.71
CA GLY A 81 -8.29 7.40 10.05
C GLY A 81 -7.46 6.13 10.06
N MET A 82 -6.35 6.15 9.34
CA MET A 82 -5.46 4.99 9.27
C MET A 82 -4.74 4.80 10.60
N GLU A 83 -4.61 3.56 11.04
CA GLU A 83 -3.93 3.25 12.28
C GLU A 83 -2.85 2.21 12.07
N GLU A 84 -2.03 2.00 13.09
CA GLU A 84 -0.97 1.01 13.05
C GLU A 84 -1.57 -0.39 13.05
N GLU A 85 -0.98 -1.31 12.27
CA GLU A 85 -1.46 -2.69 12.17
C GLU A 85 -2.79 -2.75 11.43
N ASP A 86 -3.12 -1.72 10.67
CA ASP A 86 -4.37 -1.70 9.93
C ASP A 86 -4.27 -2.64 8.73
N VAL A 87 -5.41 -3.03 8.19
CA VAL A 87 -5.45 -3.96 7.08
C VAL A 87 -5.86 -3.29 5.78
N ILE A 88 -5.08 -3.53 4.73
CA ILE A 88 -5.37 -2.99 3.41
C ILE A 88 -5.43 -4.14 2.41
N GLU A 89 -6.47 -4.16 1.59
CA GLU A 89 -6.65 -5.22 0.62
C GLU A 89 -6.27 -4.78 -0.78
N VAL A 90 -5.57 -5.64 -1.51
CA VAL A 90 -5.14 -5.35 -2.87
C VAL A 90 -5.71 -6.39 -3.83
N TYR A 91 -6.39 -5.93 -4.88
CA TYR A 91 -6.98 -6.83 -5.86
C TYR A 91 -6.67 -6.39 -7.28
N GLN A 92 -6.81 -7.30 -8.22
CA GLN A 92 -6.52 -7.02 -9.62
C GLN A 92 -7.70 -6.31 -10.27
N GLU A 93 -7.41 -5.27 -11.04
CA GLU A 93 -8.44 -4.52 -11.74
C GLU A 93 -8.79 -5.20 -13.06
N GLN A 94 -10.04 -5.08 -13.48
CA GLN A 94 -10.51 -5.71 -14.71
C GLN A 94 -9.85 -5.06 -15.94
N THR A 95 -9.43 -3.81 -15.81
CA THR A 95 -8.80 -3.10 -16.91
C THR A 95 -7.38 -3.61 -17.15
N GLY A 96 -6.71 -4.00 -16.08
CA GLY A 96 -5.34 -4.49 -16.20
C GLY A 96 -4.34 -3.35 -16.21
N GLY A 97 -4.83 -2.13 -16.00
CA GLY A 97 -3.98 -0.98 -15.98
C GLY A 97 -4.00 -0.24 -17.31
N LYS B 1 6.94 -14.29 10.80
CA LYS B 1 6.90 -12.84 10.54
C LYS B 1 7.03 -12.56 9.05
N VAL B 2 6.03 -11.90 8.49
CA VAL B 2 6.02 -11.57 7.08
C VAL B 2 6.95 -10.39 6.81
N ASP B 3 7.52 -10.35 5.63
CA ASP B 3 8.46 -9.31 5.24
C ASP B 3 7.77 -7.95 5.15
N VAL B 4 8.44 -6.92 5.63
CA VAL B 4 7.90 -5.58 5.62
C VAL B 4 8.58 -4.73 4.56
N ILE B 5 7.80 -4.15 3.67
CA ILE B 5 8.33 -3.31 2.61
C ILE B 5 8.73 -1.97 3.19
N ASP B 6 10.01 -1.63 3.08
CA ASP B 6 10.51 -0.36 3.60
C ASP B 6 10.27 0.76 2.61
N LEU B 7 9.31 1.60 2.90
CA LEU B 7 9.01 2.71 2.03
C LEU B 7 8.84 4.00 2.84
N THR B 8 9.42 4.01 4.03
CA THR B 8 9.35 5.16 4.91
C THR B 8 10.30 6.27 4.45
N ILE B 9 10.15 6.69 3.21
CA ILE B 9 10.99 7.73 2.63
C ILE B 9 10.16 8.81 1.97
N GLU B 10 10.82 9.73 1.28
CA GLU B 10 10.14 10.83 0.61
C GLU B 10 10.00 10.54 -0.89
N SER B 11 11.13 10.24 -1.50
CA SER B 11 11.17 9.96 -2.93
C SER B 11 11.62 8.52 -3.19
N SER B 12 11.36 8.03 -4.40
CA SER B 12 11.75 6.67 -4.76
C SER B 12 13.28 6.55 -4.73
N SER B 13 13.93 7.50 -5.36
CA SER B 13 15.38 7.53 -5.40
C SER B 13 15.91 8.30 -4.19
N ASP B 14 15.57 7.83 -3.01
CA ASP B 14 15.98 8.49 -1.77
C ASP B 14 17.31 7.95 -1.29
N TYR A 21 8.13 3.14 12.37
CA TYR A 21 7.25 3.49 11.24
C TYR A 21 5.88 2.86 11.42
N ILE A 22 4.94 3.25 10.58
CA ILE A 22 3.58 2.71 10.65
C ILE A 22 3.52 1.40 9.87
N LYS A 23 3.20 0.32 10.55
CA LYS A 23 3.13 -0.97 9.91
C LYS A 23 1.71 -1.28 9.46
N LEU A 24 1.55 -1.45 8.15
CA LEU A 24 0.25 -1.76 7.57
C LEU A 24 0.21 -3.24 7.17
N LYS A 25 -0.97 -3.82 7.20
CA LYS A 25 -1.13 -5.23 6.87
C LYS A 25 -1.93 -5.42 5.59
N VAL A 26 -1.27 -5.91 4.55
CA VAL A 26 -1.92 -6.17 3.28
C VAL A 26 -2.33 -7.63 3.21
N ILE A 27 -3.62 -7.87 3.08
CA ILE A 27 -4.13 -9.23 3.02
C ILE A 27 -4.42 -9.67 1.59
N GLY A 28 -3.74 -10.73 1.15
CA GLY A 28 -3.96 -11.25 -0.18
C GLY A 28 -5.11 -12.24 -0.21
N GLN A 29 -5.52 -12.65 -1.40
CA GLN A 29 -6.63 -13.59 -1.54
C GLN A 29 -6.22 -14.97 -1.04
N ASP A 30 -4.93 -15.23 -1.04
CA ASP A 30 -4.39 -16.51 -0.59
C ASP A 30 -4.20 -16.53 0.92
N SER A 31 -4.82 -15.56 1.60
CA SER A 31 -4.74 -15.45 3.06
C SER A 31 -3.31 -15.14 3.52
N SER A 32 -2.69 -14.16 2.87
CA SER A 32 -1.35 -13.75 3.22
C SER A 32 -1.38 -12.36 3.82
N GLU A 33 -0.65 -12.16 4.90
CA GLU A 33 -0.61 -10.85 5.55
C GLU A 33 0.79 -10.26 5.47
N ILE A 34 1.02 -9.43 4.46
CA ILE A 34 2.32 -8.80 4.28
C ILE A 34 2.36 -7.45 5.00
N HIS A 35 3.49 -7.19 5.65
CA HIS A 35 3.67 -5.95 6.40
C HIS A 35 4.29 -4.85 5.56
N PHE A 36 3.77 -3.64 5.72
CA PHE A 36 4.28 -2.48 5.00
C PHE A 36 4.64 -1.38 5.97
N LYS A 37 5.93 -1.14 6.18
CA LYS A 37 6.35 -0.08 7.09
C LYS A 37 6.41 1.27 6.38
N VAL A 38 5.33 2.03 6.52
CA VAL A 38 5.22 3.35 5.90
C VAL A 38 5.39 4.46 6.92
N LYS A 39 5.48 5.68 6.45
CA LYS A 39 5.63 6.83 7.34
C LYS A 39 4.58 7.86 6.99
N MET A 40 4.00 8.52 7.99
CA MET A 40 2.99 9.53 7.74
C MET A 40 3.66 10.83 7.29
N THR A 41 3.93 10.89 6.00
CA THR A 41 4.56 12.03 5.36
C THR A 41 4.36 11.91 3.85
N THR A 42 4.71 10.74 3.33
CA THR A 42 4.57 10.43 1.93
C THR A 42 3.13 10.06 1.60
N HIS A 43 2.70 10.38 0.38
CA HIS A 43 1.34 10.07 -0.04
C HIS A 43 1.15 8.57 -0.16
N LEU A 44 -0.11 8.13 -0.13
CA LEU A 44 -0.42 6.71 -0.25
C LEU A 44 -0.12 6.24 -1.66
N LYS A 45 0.11 7.21 -2.54
CA LYS A 45 0.46 6.94 -3.94
C LYS A 45 1.74 6.10 -3.98
N LYS A 46 2.63 6.38 -3.03
CA LYS A 46 3.90 5.70 -2.92
C LYS A 46 3.69 4.20 -2.70
N LEU A 47 2.75 3.86 -1.83
CA LEU A 47 2.45 2.48 -1.52
C LEU A 47 1.90 1.74 -2.74
N LYS A 48 1.16 2.46 -3.56
CA LYS A 48 0.55 1.90 -4.76
C LYS A 48 1.57 1.64 -5.87
N GLU A 49 2.55 2.53 -6.00
CA GLU A 49 3.56 2.37 -7.05
C GLU A 49 4.68 1.41 -6.67
N SER A 50 5.19 1.55 -5.45
CA SER A 50 6.29 0.71 -4.97
C SER A 50 5.94 -0.78 -5.01
N TYR A 51 4.74 -1.12 -4.52
CA TYR A 51 4.32 -2.50 -4.49
C TYR A 51 4.19 -3.08 -5.90
N CYS A 52 3.73 -2.26 -6.84
CA CYS A 52 3.58 -2.71 -8.22
C CYS A 52 4.93 -3.11 -8.79
N GLN A 53 5.96 -2.34 -8.43
CA GLN A 53 7.32 -2.62 -8.88
C GLN A 53 7.81 -3.95 -8.33
N ARG A 54 7.54 -4.17 -7.04
CA ARG A 54 7.94 -5.41 -6.37
C ARG A 54 7.19 -6.62 -6.96
N GLN A 55 5.90 -6.44 -7.21
CA GLN A 55 5.08 -7.52 -7.75
C GLN A 55 5.47 -7.81 -9.21
N GLY A 56 6.00 -6.80 -9.89
CA GLY A 56 6.41 -6.98 -11.27
C GLY A 56 5.26 -6.69 -12.23
N VAL A 57 4.41 -5.75 -11.84
CA VAL A 57 3.27 -5.37 -12.66
C VAL A 57 3.18 -3.85 -12.78
N PRO A 58 2.56 -3.36 -13.85
CA PRO A 58 2.38 -1.92 -14.06
C PRO A 58 1.40 -1.32 -13.07
N MET A 59 1.59 -0.05 -12.73
CA MET A 59 0.72 0.62 -11.80
C MET A 59 -0.67 0.83 -12.42
N ASN A 60 -1.66 1.08 -11.56
CA ASN A 60 -3.05 1.31 -11.97
C ASN A 60 -3.75 0.00 -12.28
N SER A 61 -3.00 -1.09 -12.38
CA SER A 61 -3.58 -2.39 -12.66
C SER A 61 -4.19 -2.96 -11.39
N LEU A 62 -3.59 -2.60 -10.26
CA LEU A 62 -4.05 -3.06 -8.97
C LEU A 62 -4.68 -1.89 -8.21
N ARG A 63 -5.86 -2.13 -7.66
CA ARG A 63 -6.56 -1.11 -6.90
C ARG A 63 -6.53 -1.44 -5.42
N PHE A 64 -6.01 -0.52 -4.62
CA PHE A 64 -5.94 -0.71 -3.18
C PHE A 64 -7.22 -0.21 -2.54
N LEU A 65 -7.85 -1.08 -1.77
CA LEU A 65 -9.09 -0.74 -1.10
C LEU A 65 -8.88 -0.64 0.41
N PHE A 66 -9.37 0.45 0.97
CA PHE A 66 -9.27 0.68 2.40
C PHE A 66 -10.66 0.91 2.97
N GLU A 67 -11.16 -0.09 3.69
CA GLU A 67 -12.48 -0.05 4.30
C GLU A 67 -13.58 0.03 3.24
N GLY A 68 -13.33 -0.60 2.10
CA GLY A 68 -14.32 -0.62 1.03
C GLY A 68 -14.11 0.47 -0.01
N GLN A 69 -13.39 1.52 0.35
CA GLN A 69 -13.15 2.62 -0.59
C GLN A 69 -11.73 2.55 -1.14
N ARG A 70 -11.59 2.81 -2.43
CA ARG A 70 -10.28 2.76 -3.08
C ARG A 70 -9.41 3.92 -2.61
N ILE A 71 -8.11 3.67 -2.57
CA ILE A 71 -7.13 4.67 -2.15
C ILE A 71 -6.72 5.57 -3.31
N ALA A 72 -6.94 6.87 -3.15
CA ALA A 72 -6.57 7.83 -4.16
C ALA A 72 -5.09 8.18 -4.03
N ASP A 73 -4.50 8.65 -5.11
CA ASP A 73 -3.08 9.00 -5.13
C ASP A 73 -2.79 10.24 -4.30
N ASN A 74 -3.79 11.10 -4.18
CA ASN A 74 -3.63 12.33 -3.42
C ASN A 74 -3.95 12.13 -1.95
N HIS A 75 -4.29 10.89 -1.59
CA HIS A 75 -4.62 10.57 -0.20
C HIS A 75 -3.35 10.29 0.61
N THR A 76 -3.38 10.68 1.87
CA THR A 76 -2.25 10.47 2.77
C THR A 76 -2.70 9.64 3.97
N PRO A 77 -1.75 9.03 4.71
CA PRO A 77 -2.08 8.21 5.90
C PRO A 77 -2.67 9.05 7.04
N LYS A 78 -2.74 10.36 6.81
CA LYS A 78 -3.29 11.29 7.80
C LYS A 78 -4.82 11.27 7.76
N GLU A 79 -5.36 11.10 6.56
CA GLU A 79 -6.80 11.06 6.39
C GLU A 79 -7.30 9.62 6.41
N LEU A 80 -8.62 9.45 6.25
CA LEU A 80 -9.26 8.12 6.23
C LEU A 80 -9.31 7.50 7.63
N GLY A 81 -8.33 7.84 8.46
CA GLY A 81 -8.27 7.29 9.80
C GLY A 81 -7.40 6.06 9.86
N MET A 82 -6.34 6.07 9.05
CA MET A 82 -5.40 4.96 8.98
C MET A 82 -4.65 4.81 10.30
N GLU A 83 -4.65 3.59 10.83
CA GLU A 83 -3.97 3.30 12.09
C GLU A 83 -2.91 2.21 11.89
N GLU A 84 -2.27 1.82 12.98
CA GLU A 84 -1.24 0.79 12.94
C GLU A 84 -1.88 -0.58 12.80
N GLU A 85 -1.21 -1.47 12.06
CA GLU A 85 -1.69 -2.83 11.84
C GLU A 85 -3.03 -2.82 11.11
N ASP A 86 -3.26 -1.77 10.34
CA ASP A 86 -4.50 -1.63 9.59
C ASP A 86 -4.49 -2.53 8.37
N VAL A 87 -5.63 -3.13 8.09
CA VAL A 87 -5.76 -4.03 6.96
C VAL A 87 -6.20 -3.30 5.70
N ILE A 88 -5.44 -3.50 4.64
CA ILE A 88 -5.73 -2.91 3.35
C ILE A 88 -5.81 -4.01 2.30
N GLU A 89 -6.75 -3.92 1.38
CA GLU A 89 -6.93 -4.94 0.36
C GLU A 89 -6.41 -4.46 -0.99
N VAL A 90 -6.10 -5.41 -1.85
CA VAL A 90 -5.60 -5.11 -3.18
C VAL A 90 -6.19 -6.08 -4.21
N TYR A 91 -6.87 -5.53 -5.21
CA TYR A 91 -7.48 -6.34 -6.26
C TYR A 91 -7.06 -5.81 -7.62
N GLN A 92 -7.21 -6.62 -8.65
CA GLN A 92 -6.84 -6.20 -9.99
C GLN A 92 -8.02 -5.58 -10.72
N GLU A 93 -7.76 -4.50 -11.44
CA GLU A 93 -8.79 -3.81 -12.19
C GLU A 93 -9.17 -4.63 -13.42
N GLN A 94 -10.45 -4.63 -13.77
CA GLN A 94 -10.94 -5.38 -14.91
C GLN A 94 -10.39 -4.79 -16.21
N THR A 95 -10.23 -3.48 -16.23
CA THR A 95 -9.72 -2.80 -17.41
C THR A 95 -8.27 -3.17 -17.69
N GLY A 96 -7.50 -3.37 -16.63
CA GLY A 96 -6.10 -3.73 -16.77
C GLY A 96 -5.19 -2.58 -16.40
N GLY A 97 -5.69 -1.36 -16.56
CA GLY A 97 -4.91 -0.19 -16.24
C GLY A 97 -4.15 0.33 -17.44
N LYS B 1 7.06 -15.57 7.77
CA LYS B 1 7.85 -14.31 7.74
C LYS B 1 7.61 -13.57 6.44
N VAL B 2 6.99 -12.42 6.51
CA VAL B 2 6.72 -11.62 5.32
C VAL B 2 7.70 -10.47 5.21
N ASP B 3 8.04 -10.12 3.98
CA ASP B 3 8.98 -9.04 3.73
C ASP B 3 8.26 -7.71 3.89
N VAL B 4 8.67 -6.93 4.88
CA VAL B 4 8.06 -5.65 5.14
C VAL B 4 8.70 -4.60 4.25
N ILE B 5 7.89 -3.95 3.44
CA ILE B 5 8.38 -2.95 2.53
C ILE B 5 8.36 -1.57 3.18
N ASP B 6 9.53 -1.05 3.47
CA ASP B 6 9.66 0.27 4.08
C ASP B 6 9.44 1.33 3.03
N LEU B 7 8.41 2.12 3.23
CA LEU B 7 8.11 3.18 2.28
C LEU B 7 8.08 4.53 3.01
N THR B 8 8.98 4.68 3.97
CA THR B 8 9.09 5.90 4.74
C THR B 8 9.62 7.06 3.90
N ILE B 9 10.25 6.73 2.78
CA ILE B 9 10.81 7.74 1.90
C ILE B 9 10.27 7.59 0.48
N GLU B 10 10.27 8.69 -0.26
CA GLU B 10 9.81 8.69 -1.64
C GLU B 10 10.87 8.06 -2.54
N SER B 11 12.12 8.32 -2.22
CA SER B 11 13.22 7.78 -2.99
C SER B 11 14.16 7.00 -2.08
N SER B 12 14.45 5.77 -2.46
CA SER B 12 15.34 4.91 -1.67
C SER B 12 16.67 5.61 -1.43
N SER B 13 17.01 5.80 -0.15
CA SER B 13 18.25 6.46 0.23
C SER B 13 19.17 5.50 0.97
N ASP B 14 18.95 4.21 0.76
CA ASP B 14 19.75 3.17 1.40
C ASP B 14 19.57 1.85 0.66
N TYR A 21 8.52 3.46 12.05
CA TYR A 21 7.69 3.57 10.84
C TYR A 21 6.36 2.87 11.06
N ILE A 22 5.32 3.36 10.40
CA ILE A 22 3.97 2.79 10.54
C ILE A 22 3.89 1.48 9.79
N LYS A 23 3.40 0.45 10.45
CA LYS A 23 3.29 -0.86 9.84
C LYS A 23 1.85 -1.17 9.44
N LEU A 24 1.65 -1.39 8.15
CA LEU A 24 0.33 -1.72 7.62
C LEU A 24 0.30 -3.20 7.25
N LYS A 25 -0.87 -3.79 7.34
CA LYS A 25 -1.04 -5.21 7.00
C LYS A 25 -1.72 -5.35 5.64
N VAL A 26 -0.96 -5.75 4.64
CA VAL A 26 -1.49 -5.94 3.30
C VAL A 26 -2.16 -7.31 3.24
N ILE A 27 -3.43 -7.33 2.88
CA ILE A 27 -4.18 -8.58 2.80
C ILE A 27 -4.65 -8.82 1.37
N GLY A 28 -4.04 -9.79 0.71
CA GLY A 28 -4.42 -10.12 -0.64
C GLY A 28 -5.63 -11.04 -0.66
N GLN A 29 -6.20 -11.24 -1.84
CA GLN A 29 -7.38 -12.10 -1.99
C GLN A 29 -7.05 -13.55 -1.64
N ASP A 30 -5.78 -13.90 -1.83
CA ASP A 30 -5.30 -15.26 -1.54
C ASP A 30 -4.82 -15.39 -0.10
N SER A 31 -5.36 -14.54 0.77
CA SER A 31 -5.01 -14.55 2.20
C SER A 31 -3.52 -14.28 2.41
N SER A 32 -2.95 -13.45 1.55
CA SER A 32 -1.55 -13.10 1.66
C SER A 32 -1.39 -11.90 2.58
N GLU A 33 -0.74 -12.12 3.71
CA GLU A 33 -0.52 -11.06 4.69
C GLU A 33 0.91 -10.55 4.56
N ILE A 34 1.07 -9.34 4.05
CA ILE A 34 2.38 -8.76 3.88
C ILE A 34 2.53 -7.51 4.76
N HIS A 35 3.73 -7.29 5.30
CA HIS A 35 3.98 -6.14 6.15
C HIS A 35 4.42 -4.95 5.30
N PHE A 36 3.95 -3.76 5.67
CA PHE A 36 4.30 -2.55 4.93
C PHE A 36 4.70 -1.43 5.89
N LYS A 37 6.00 -1.15 5.97
CA LYS A 37 6.47 -0.07 6.84
C LYS A 37 6.55 1.24 6.08
N VAL A 38 5.62 2.13 6.38
CA VAL A 38 5.54 3.43 5.73
C VAL A 38 5.88 4.56 6.71
N LYS A 39 6.04 5.75 6.17
CA LYS A 39 6.34 6.92 6.99
C LYS A 39 5.23 7.96 6.85
N MET A 40 4.86 8.58 7.96
CA MET A 40 3.80 9.59 7.95
C MET A 40 4.33 10.89 7.36
N THR A 41 4.30 10.97 6.04
CA THR A 41 4.77 12.13 5.30
C THR A 41 4.28 12.05 3.85
N THR A 42 4.63 10.94 3.22
CA THR A 42 4.26 10.70 1.84
C THR A 42 2.82 10.23 1.74
N HIS A 43 2.16 10.58 0.65
CA HIS A 43 0.77 10.18 0.42
C HIS A 43 0.73 8.68 0.14
N LEU A 44 -0.47 8.13 0.04
CA LEU A 44 -0.63 6.71 -0.23
C LEU A 44 -0.31 6.41 -1.70
N LYS A 45 0.12 7.46 -2.39
CA LYS A 45 0.53 7.37 -3.79
C LYS A 45 1.70 6.39 -3.91
N LYS A 46 2.66 6.56 -3.00
CA LYS A 46 3.83 5.71 -2.98
C LYS A 46 3.44 4.29 -2.63
N LEU A 47 2.49 4.15 -1.72
CA LEU A 47 2.00 2.84 -1.28
C LEU A 47 1.56 2.01 -2.49
N LYS A 48 0.81 2.63 -3.38
CA LYS A 48 0.30 1.94 -4.56
C LYS A 48 1.39 1.61 -5.57
N GLU A 49 2.15 2.61 -5.99
CA GLU A 49 3.19 2.41 -7.00
C GLU A 49 4.35 1.54 -6.51
N SER A 50 4.82 1.77 -5.29
CA SER A 50 5.94 1.01 -4.75
C SER A 50 5.61 -0.46 -4.61
N TYR A 51 4.36 -0.75 -4.22
CA TYR A 51 3.95 -2.14 -4.07
C TYR A 51 3.92 -2.83 -5.42
N CYS A 52 3.38 -2.14 -6.43
CA CYS A 52 3.30 -2.69 -7.77
C CYS A 52 4.70 -2.98 -8.31
N GLN A 53 5.65 -2.11 -7.97
CA GLN A 53 7.03 -2.26 -8.41
C GLN A 53 7.61 -3.58 -7.86
N ARG A 54 7.33 -3.87 -6.60
CA ARG A 54 7.82 -5.09 -5.99
C ARG A 54 7.06 -6.31 -6.50
N GLN A 55 5.81 -6.11 -6.88
CA GLN A 55 4.98 -7.20 -7.39
C GLN A 55 5.38 -7.58 -8.81
N GLY A 56 6.08 -6.68 -9.49
CA GLY A 56 6.50 -6.95 -10.85
C GLY A 56 5.42 -6.64 -11.87
N VAL A 57 4.53 -5.73 -11.50
CA VAL A 57 3.44 -5.33 -12.38
C VAL A 57 3.41 -3.81 -12.52
N PRO A 58 2.86 -3.30 -13.62
CA PRO A 58 2.78 -1.85 -13.86
C PRO A 58 1.77 -1.19 -12.92
N MET A 59 1.88 0.12 -12.79
CA MET A 59 0.98 0.88 -11.93
C MET A 59 -0.43 0.91 -12.51
N ASN A 60 -1.42 1.06 -11.63
CA ASN A 60 -2.84 1.12 -12.00
C ASN A 60 -3.40 -0.25 -12.38
N SER A 61 -2.60 -1.30 -12.21
CA SER A 61 -3.07 -2.64 -12.52
C SER A 61 -3.72 -3.25 -11.29
N LEU A 62 -3.32 -2.77 -10.12
CA LEU A 62 -3.86 -3.25 -8.86
C LEU A 62 -4.61 -2.13 -8.16
N ARG A 63 -5.67 -2.48 -7.45
CA ARG A 63 -6.46 -1.53 -6.71
C ARG A 63 -6.42 -1.87 -5.22
N PHE A 64 -6.19 -0.86 -4.40
CA PHE A 64 -6.12 -1.06 -2.96
C PHE A 64 -7.43 -0.59 -2.32
N LEU A 65 -8.01 -1.46 -1.51
CA LEU A 65 -9.27 -1.15 -0.84
C LEU A 65 -9.07 -0.98 0.65
N PHE A 66 -9.65 0.09 1.18
CA PHE A 66 -9.60 0.40 2.59
C PHE A 66 -11.03 0.55 3.11
N GLU A 67 -11.48 -0.45 3.85
CA GLU A 67 -12.84 -0.47 4.40
C GLU A 67 -13.88 -0.50 3.27
N GLY A 68 -13.47 -0.97 2.11
CA GLY A 68 -14.36 -1.04 0.97
C GLY A 68 -14.12 0.06 -0.04
N GLN A 69 -13.58 1.18 0.41
CA GLN A 69 -13.30 2.31 -0.47
C GLN A 69 -11.92 2.16 -1.09
N ARG A 70 -11.79 2.55 -2.34
CA ARG A 70 -10.51 2.43 -3.02
C ARG A 70 -9.59 3.60 -2.66
N ILE A 71 -8.32 3.30 -2.47
CA ILE A 71 -7.33 4.30 -2.12
C ILE A 71 -6.90 5.10 -3.33
N ALA A 72 -7.19 6.40 -3.32
CA ALA A 72 -6.82 7.28 -4.40
C ALA A 72 -5.35 7.64 -4.32
N ASP A 73 -4.80 8.14 -5.42
CA ASP A 73 -3.39 8.50 -5.49
C ASP A 73 -3.11 9.72 -4.61
N ASN A 74 -4.12 10.54 -4.37
CA ASN A 74 -3.96 11.74 -3.54
C ASN A 74 -4.29 11.46 -2.09
N HIS A 75 -4.70 10.24 -1.79
CA HIS A 75 -5.07 9.88 -0.42
C HIS A 75 -3.84 9.87 0.48
N THR A 76 -4.03 10.29 1.72
CA THR A 76 -2.94 10.33 2.69
C THR A 76 -3.25 9.45 3.89
N PRO A 77 -2.22 8.97 4.61
CA PRO A 77 -2.40 8.14 5.80
C PRO A 77 -2.97 8.95 6.96
N LYS A 78 -2.98 10.27 6.79
CA LYS A 78 -3.49 11.18 7.80
C LYS A 78 -5.02 11.21 7.76
N GLU A 79 -5.57 11.18 6.55
CA GLU A 79 -7.02 11.20 6.38
C GLU A 79 -7.59 9.78 6.46
N LEU A 80 -8.91 9.67 6.30
CA LEU A 80 -9.61 8.39 6.35
C LEU A 80 -9.69 7.82 7.76
N GLY A 81 -8.53 7.69 8.39
CA GLY A 81 -8.47 7.15 9.73
C GLY A 81 -7.57 5.94 9.80
N MET A 82 -6.49 5.96 9.03
CA MET A 82 -5.55 4.86 9.00
C MET A 82 -4.75 4.80 10.30
N GLU A 83 -4.66 3.61 10.87
CA GLU A 83 -3.94 3.42 12.13
C GLU A 83 -2.86 2.35 11.99
N GLU A 84 -2.32 1.94 13.13
CA GLU A 84 -1.29 0.93 13.18
C GLU A 84 -1.91 -0.45 12.98
N GLU A 85 -1.20 -1.34 12.27
CA GLU A 85 -1.68 -2.69 12.01
C GLU A 85 -2.98 -2.67 11.21
N ASP A 86 -3.16 -1.61 10.42
CA ASP A 86 -4.36 -1.47 9.61
C ASP A 86 -4.32 -2.42 8.42
N VAL A 87 -5.47 -2.90 8.02
CA VAL A 87 -5.55 -3.84 6.91
C VAL A 87 -5.85 -3.14 5.59
N ILE A 88 -5.03 -3.42 4.60
CA ILE A 88 -5.21 -2.86 3.28
C ILE A 88 -5.27 -4.00 2.27
N GLU A 89 -6.43 -4.19 1.67
CA GLU A 89 -6.63 -5.26 0.70
C GLU A 89 -6.28 -4.82 -0.71
N VAL A 90 -5.66 -5.72 -1.46
CA VAL A 90 -5.26 -5.43 -2.83
C VAL A 90 -5.96 -6.38 -3.79
N TYR A 91 -6.44 -5.83 -4.91
CA TYR A 91 -7.12 -6.63 -5.92
C TYR A 91 -6.65 -6.21 -7.31
N GLN A 92 -6.90 -7.03 -8.31
CA GLN A 92 -6.46 -6.73 -9.67
C GLN A 92 -7.59 -6.07 -10.46
N GLU A 93 -7.25 -5.07 -11.25
CA GLU A 93 -8.24 -4.37 -12.05
C GLU A 93 -8.58 -5.18 -13.29
N GLN A 94 -9.82 -5.04 -13.76
CA GLN A 94 -10.29 -5.76 -14.95
C GLN A 94 -9.43 -5.42 -16.16
N THR A 95 -9.16 -4.14 -16.34
CA THR A 95 -8.33 -3.67 -17.45
C THR A 95 -6.88 -4.05 -17.22
N GLY A 96 -6.48 -4.07 -15.95
CA GLY A 96 -5.12 -4.42 -15.59
C GLY A 96 -4.12 -3.36 -16.02
N GLY A 97 -4.63 -2.18 -16.35
CA GLY A 97 -3.79 -1.10 -16.78
C GLY A 97 -4.21 -0.57 -18.12
N LYS B 1 7.25 -14.54 10.49
CA LYS B 1 7.49 -13.10 10.27
C LYS B 1 7.50 -12.78 8.79
N VAL B 2 6.48 -12.07 8.34
CA VAL B 2 6.36 -11.71 6.93
C VAL B 2 7.30 -10.55 6.61
N ASP B 3 7.77 -10.51 5.37
CA ASP B 3 8.67 -9.46 4.93
C ASP B 3 7.95 -8.12 4.91
N VAL B 4 8.62 -7.08 5.37
CA VAL B 4 8.06 -5.75 5.43
C VAL B 4 8.66 -4.86 4.35
N ILE B 5 7.79 -4.24 3.56
CA ILE B 5 8.23 -3.35 2.51
C ILE B 5 8.41 -1.95 3.06
N ASP B 6 9.65 -1.52 3.18
CA ASP B 6 9.94 -0.19 3.69
C ASP B 6 9.74 0.84 2.60
N LEU B 7 9.07 1.93 2.92
CA LEU B 7 8.87 2.99 1.96
C LEU B 7 9.50 4.29 2.46
N THR B 8 10.53 4.14 3.27
CA THR B 8 11.25 5.27 3.82
C THR B 8 12.14 5.92 2.76
N ILE B 9 12.80 5.07 1.98
CA ILE B 9 13.71 5.54 0.93
C ILE B 9 12.96 6.27 -0.18
N GLU B 10 13.28 7.55 -0.32
CA GLU B 10 12.66 8.38 -1.34
C GLU B 10 13.67 9.38 -1.89
N SER B 11 14.09 10.31 -1.05
CA SER B 11 15.06 11.31 -1.44
C SER B 11 16.40 11.02 -0.76
N SER B 12 17.49 11.46 -1.37
CA SER B 12 18.83 11.23 -0.83
C SER B 12 18.94 11.76 0.60
N SER B 13 19.01 10.84 1.56
CA SER B 13 19.10 11.18 2.96
C SER B 13 19.53 9.97 3.81
N ASP B 14 19.27 8.76 3.33
CA ASP B 14 19.63 7.56 4.08
C ASP B 14 20.61 6.69 3.30
N TYR A 21 8.38 2.84 12.61
CA TYR A 21 7.55 3.41 11.52
C TYR A 21 6.19 2.72 11.49
N ILE A 22 5.28 3.27 10.71
CA ILE A 22 3.93 2.72 10.58
C ILE A 22 3.97 1.45 9.75
N LYS A 23 3.38 0.40 10.27
CA LYS A 23 3.33 -0.87 9.57
C LYS A 23 1.91 -1.20 9.16
N LEU A 24 1.68 -1.32 7.86
CA LEU A 24 0.36 -1.63 7.34
C LEU A 24 0.30 -3.10 6.93
N LYS A 25 -0.88 -3.70 7.01
CA LYS A 25 -1.05 -5.10 6.65
C LYS A 25 -1.82 -5.23 5.35
N VAL A 26 -1.12 -5.69 4.31
CA VAL A 26 -1.74 -5.91 3.01
C VAL A 26 -2.27 -7.33 2.94
N ILE A 27 -3.59 -7.46 3.05
CA ILE A 27 -4.23 -8.77 3.03
C ILE A 27 -4.66 -9.16 1.62
N GLY A 28 -4.04 -10.20 1.10
CA GLY A 28 -4.37 -10.68 -0.23
C GLY A 28 -5.46 -11.73 -0.20
N GLN A 29 -5.98 -12.08 -1.38
CA GLN A 29 -7.04 -13.07 -1.50
C GLN A 29 -6.52 -14.47 -1.21
N ASP A 30 -5.20 -14.63 -1.25
CA ASP A 30 -4.56 -15.91 -1.00
C ASP A 30 -4.20 -16.06 0.48
N SER A 31 -4.79 -15.19 1.29
CA SER A 31 -4.57 -15.20 2.74
C SER A 31 -3.14 -14.77 3.10
N SER A 32 -2.55 -13.93 2.27
CA SER A 32 -1.21 -13.44 2.52
C SER A 32 -1.28 -12.05 3.14
N GLU A 33 -0.41 -11.78 4.10
CA GLU A 33 -0.41 -10.48 4.74
C GLU A 33 0.97 -9.84 4.68
N ILE A 34 1.21 -9.05 3.64
CA ILE A 34 2.48 -8.38 3.49
C ILE A 34 2.50 -7.15 4.37
N HIS A 35 3.62 -6.88 5.01
CA HIS A 35 3.72 -5.73 5.88
C HIS A 35 4.34 -4.55 5.14
N PHE A 36 3.92 -3.35 5.49
CA PHE A 36 4.42 -2.14 4.85
C PHE A 36 4.98 -1.16 5.88
N LYS A 37 6.28 -0.86 5.80
CA LYS A 37 6.88 0.09 6.73
C LYS A 37 6.96 1.48 6.13
N VAL A 38 5.97 2.30 6.44
CA VAL A 38 5.90 3.67 5.94
C VAL A 38 5.95 4.68 7.09
N LYS A 39 6.08 5.95 6.74
CA LYS A 39 6.11 7.02 7.72
C LYS A 39 5.07 8.06 7.36
N MET A 40 4.47 8.70 8.36
CA MET A 40 3.45 9.71 8.10
C MET A 40 4.07 10.96 7.47
N THR A 41 4.18 10.94 6.16
CA THR A 41 4.75 12.04 5.40
C THR A 41 4.40 11.88 3.93
N THR A 42 4.70 10.71 3.40
CA THR A 42 4.45 10.38 2.01
C THR A 42 2.98 10.05 1.76
N HIS A 43 2.49 10.39 0.58
CA HIS A 43 1.11 10.14 0.20
C HIS A 43 0.87 8.63 0.03
N LEU A 44 -0.39 8.24 -0.02
CA LEU A 44 -0.75 6.83 -0.19
C LEU A 44 -0.43 6.36 -1.61
N LYS A 45 -0.10 7.32 -2.47
CA LYS A 45 0.27 7.02 -3.85
C LYS A 45 1.55 6.20 -3.86
N LYS A 46 2.45 6.52 -2.94
CA LYS A 46 3.72 5.82 -2.81
C LYS A 46 3.47 4.36 -2.46
N LEU A 47 2.44 4.12 -1.66
CA LEU A 47 2.08 2.77 -1.23
C LEU A 47 1.66 1.93 -2.45
N LYS A 48 0.94 2.57 -3.35
CA LYS A 48 0.44 1.90 -4.54
C LYS A 48 1.54 1.57 -5.53
N GLU A 49 2.35 2.55 -5.88
CA GLU A 49 3.42 2.36 -6.86
C GLU A 49 4.50 1.40 -6.37
N SER A 50 4.97 1.58 -5.14
CA SER A 50 6.03 0.74 -4.59
C SER A 50 5.61 -0.73 -4.55
N TYR A 51 4.35 -0.98 -4.20
CA TYR A 51 3.87 -2.34 -4.14
C TYR A 51 3.79 -2.95 -5.53
N CYS A 52 3.31 -2.15 -6.49
CA CYS A 52 3.18 -2.61 -7.87
C CYS A 52 4.55 -2.98 -8.44
N GLN A 53 5.57 -2.18 -8.13
CA GLN A 53 6.92 -2.45 -8.60
C GLN A 53 7.42 -3.77 -8.05
N ARG A 54 7.12 -4.02 -6.79
CA ARG A 54 7.52 -5.26 -6.13
C ARG A 54 6.81 -6.45 -6.77
N GLN A 55 5.52 -6.29 -7.03
CA GLN A 55 4.74 -7.37 -7.64
C GLN A 55 5.17 -7.57 -9.10
N GLY A 56 5.70 -6.51 -9.68
CA GLY A 56 6.14 -6.58 -11.06
C GLY A 56 4.99 -6.32 -12.02
N VAL A 57 4.15 -5.36 -11.66
CA VAL A 57 3.00 -5.00 -12.48
C VAL A 57 2.87 -3.49 -12.57
N PRO A 58 2.21 -2.98 -13.63
CA PRO A 58 2.02 -1.54 -13.83
C PRO A 58 1.16 -0.92 -12.73
N MET A 59 1.43 0.35 -12.41
CA MET A 59 0.70 1.06 -11.38
C MET A 59 -0.69 1.49 -11.89
N ASN A 60 -1.49 0.49 -12.24
CA ASN A 60 -2.83 0.73 -12.75
C ASN A 60 -3.59 -0.59 -12.84
N SER A 61 -2.84 -1.69 -12.82
CA SER A 61 -3.42 -3.02 -12.88
C SER A 61 -3.91 -3.49 -11.52
N LEU A 62 -3.52 -2.78 -10.47
CA LEU A 62 -3.92 -3.15 -9.12
C LEU A 62 -4.69 -2.02 -8.44
N ARG A 63 -5.73 -2.37 -7.72
CA ARG A 63 -6.54 -1.40 -7.00
C ARG A 63 -6.47 -1.69 -5.50
N PHE A 64 -6.16 -0.66 -4.74
CA PHE A 64 -6.06 -0.80 -3.29
C PHE A 64 -7.34 -0.34 -2.62
N LEU A 65 -7.89 -1.19 -1.78
CA LEU A 65 -9.13 -0.89 -1.09
C LEU A 65 -8.89 -0.78 0.40
N PHE A 66 -9.50 0.23 1.00
CA PHE A 66 -9.41 0.47 2.42
C PHE A 66 -10.81 0.59 2.99
N GLU A 67 -11.27 -0.50 3.60
CA GLU A 67 -12.60 -0.57 4.19
C GLU A 67 -13.67 -0.47 3.10
N GLY A 68 -13.35 -0.98 1.93
CA GLY A 68 -14.28 -0.95 0.81
C GLY A 68 -14.04 0.21 -0.12
N GLN A 69 -13.49 1.30 0.41
CA GLN A 69 -13.22 2.49 -0.39
C GLN A 69 -11.83 2.38 -1.04
N ARG A 70 -11.74 2.72 -2.31
CA ARG A 70 -10.47 2.64 -3.02
C ARG A 70 -9.54 3.78 -2.62
N ILE A 71 -8.27 3.45 -2.52
CA ILE A 71 -7.23 4.42 -2.16
C ILE A 71 -6.85 5.28 -3.36
N ALA A 72 -7.09 6.58 -3.25
CA ALA A 72 -6.75 7.51 -4.31
C ALA A 72 -5.30 7.94 -4.18
N ASP A 73 -4.72 8.34 -5.30
CA ASP A 73 -3.32 8.76 -5.35
C ASP A 73 -3.10 10.06 -4.57
N ASN A 74 -4.14 10.88 -4.48
CA ASN A 74 -4.03 12.16 -3.77
C ASN A 74 -4.38 12.01 -2.29
N HIS A 75 -4.63 10.78 -1.87
CA HIS A 75 -4.98 10.51 -0.47
C HIS A 75 -3.74 10.34 0.39
N THR A 76 -3.87 10.71 1.64
CA THR A 76 -2.78 10.59 2.60
C THR A 76 -3.18 9.64 3.72
N PRO A 77 -2.20 9.05 4.44
CA PRO A 77 -2.48 8.12 5.54
C PRO A 77 -3.13 8.83 6.72
N LYS A 78 -3.15 10.16 6.67
CA LYS A 78 -3.76 10.97 7.72
C LYS A 78 -5.27 11.00 7.54
N GLU A 79 -5.71 10.64 6.34
CA GLU A 79 -7.13 10.61 6.02
C GLU A 79 -7.67 9.19 6.15
N LEU A 80 -9.00 9.08 6.21
CA LEU A 80 -9.69 7.80 6.31
C LEU A 80 -9.46 7.14 7.68
N GLY A 81 -8.67 7.79 8.52
CA GLY A 81 -8.40 7.25 9.84
C GLY A 81 -7.53 6.01 9.81
N MET A 82 -6.46 6.06 9.02
CA MET A 82 -5.54 4.94 8.92
C MET A 82 -4.71 4.81 10.20
N GLU A 83 -4.74 3.63 10.80
CA GLU A 83 -4.02 3.40 12.04
C GLU A 83 -2.88 2.39 11.87
N GLU A 84 -2.29 2.00 13.00
CA GLU A 84 -1.18 1.05 13.02
C GLU A 84 -1.70 -0.35 12.72
N GLU A 85 -0.96 -1.08 11.88
CA GLU A 85 -1.31 -2.44 11.49
C GLU A 85 -2.71 -2.48 10.91
N ASP A 86 -3.04 -1.46 10.14
CA ASP A 86 -4.34 -1.36 9.52
C ASP A 86 -4.46 -2.38 8.39
N VAL A 87 -5.69 -2.69 8.00
CA VAL A 87 -5.93 -3.66 6.96
C VAL A 87 -6.23 -3.01 5.61
N ILE A 88 -5.32 -3.22 4.68
CA ILE A 88 -5.48 -2.71 3.33
C ILE A 88 -5.48 -3.89 2.37
N GLU A 89 -6.44 -3.91 1.46
CA GLU A 89 -6.56 -5.01 0.52
C GLU A 89 -6.24 -4.56 -0.90
N VAL A 90 -5.60 -5.44 -1.66
CA VAL A 90 -5.24 -5.14 -3.03
C VAL A 90 -5.81 -6.19 -3.98
N TYR A 91 -6.49 -5.74 -5.02
CA TYR A 91 -7.09 -6.64 -6.00
C TYR A 91 -6.72 -6.21 -7.41
N GLN A 92 -6.82 -7.12 -8.35
CA GLN A 92 -6.49 -6.81 -9.74
C GLN A 92 -7.63 -6.07 -10.43
N GLU A 93 -7.28 -5.08 -11.23
CA GLU A 93 -8.25 -4.29 -11.96
C GLU A 93 -8.78 -5.05 -13.17
N GLN A 94 -10.02 -4.77 -13.53
CA GLN A 94 -10.67 -5.42 -14.66
C GLN A 94 -10.10 -4.89 -15.97
N THR A 95 -9.71 -3.62 -15.96
CA THR A 95 -9.15 -2.99 -17.14
C THR A 95 -7.80 -3.63 -17.49
N GLY A 96 -6.89 -3.61 -16.52
CA GLY A 96 -5.58 -4.20 -16.72
C GLY A 96 -4.49 -3.17 -16.73
N GLY A 97 -4.85 -1.93 -16.97
CA GLY A 97 -3.86 -0.87 -17.00
C GLY A 97 -3.97 -0.04 -18.26
N LYS B 1 6.53 -14.75 9.89
CA LYS B 1 6.10 -13.36 9.66
C LYS B 1 6.54 -12.88 8.30
N VAL B 2 5.66 -12.17 7.61
CA VAL B 2 5.96 -11.65 6.29
C VAL B 2 6.85 -10.42 6.39
N ASP B 3 7.68 -10.23 5.38
CA ASP B 3 8.61 -9.11 5.32
C ASP B 3 7.87 -7.78 5.17
N VAL B 4 8.45 -6.74 5.75
CA VAL B 4 7.88 -5.41 5.70
C VAL B 4 8.55 -4.60 4.61
N ILE B 5 7.78 -4.15 3.64
CA ILE B 5 8.34 -3.35 2.54
C ILE B 5 8.71 -1.97 3.07
N ASP B 6 10.01 -1.71 3.16
CA ASP B 6 10.51 -0.42 3.64
C ASP B 6 10.33 0.63 2.59
N LEU B 7 9.39 1.53 2.79
CA LEU B 7 9.20 2.58 1.82
C LEU B 7 9.86 3.87 2.31
N THR B 8 10.08 3.94 3.61
CA THR B 8 10.71 5.09 4.22
C THR B 8 11.98 4.68 4.96
N ILE B 9 13.10 5.29 4.61
CA ILE B 9 14.38 5.01 5.23
C ILE B 9 14.45 5.61 6.63
N GLU B 10 15.17 4.94 7.52
CA GLU B 10 15.32 5.42 8.90
C GLU B 10 16.41 6.48 8.97
N SER B 11 17.58 6.16 8.44
CA SER B 11 18.70 7.06 8.43
C SER B 11 18.53 8.16 7.38
N SER B 12 19.27 9.24 7.50
CA SER B 12 19.18 10.34 6.56
C SER B 12 20.19 10.19 5.42
N SER B 13 21.45 9.99 5.78
CA SER B 13 22.50 9.82 4.79
C SER B 13 22.66 8.36 4.36
N ASP B 14 22.33 7.45 5.27
CA ASP B 14 22.43 6.03 4.99
C ASP B 14 21.11 5.50 4.44
N TYR A 21 7.98 3.73 12.56
CA TYR A 21 7.21 3.87 11.30
C TYR A 21 5.85 3.22 11.44
N ILE A 22 4.95 3.52 10.51
CA ILE A 22 3.61 2.96 10.52
C ILE A 22 3.56 1.71 9.64
N LYS A 23 2.99 0.64 10.17
CA LYS A 23 2.90 -0.60 9.41
C LYS A 23 1.49 -0.81 8.86
N LEU A 24 1.44 -1.42 7.68
CA LEU A 24 0.17 -1.73 7.02
C LEU A 24 0.19 -3.18 6.57
N LYS A 25 -0.85 -3.92 6.92
CA LYS A 25 -0.94 -5.33 6.55
C LYS A 25 -1.73 -5.48 5.26
N VAL A 26 -1.04 -5.84 4.20
CA VAL A 26 -1.65 -6.03 2.89
C VAL A 26 -2.23 -7.44 2.76
N ILE A 27 -3.52 -7.50 2.47
CA ILE A 27 -4.21 -8.77 2.31
C ILE A 27 -4.58 -8.99 0.85
N GLY A 28 -4.01 -10.03 0.24
CA GLY A 28 -4.31 -10.32 -1.14
C GLY A 28 -5.48 -11.27 -1.29
N GLN A 29 -5.81 -11.60 -2.54
CA GLN A 29 -6.93 -12.49 -2.83
C GLN A 29 -6.64 -13.89 -2.33
N ASP A 30 -5.36 -14.24 -2.27
CA ASP A 30 -4.93 -15.56 -1.79
C ASP A 30 -4.80 -15.56 -0.28
N SER A 31 -5.33 -14.51 0.35
CA SER A 31 -5.28 -14.37 1.80
C SER A 31 -3.83 -14.31 2.28
N SER A 32 -3.05 -13.48 1.61
CA SER A 32 -1.65 -13.29 1.94
C SER A 32 -1.51 -12.25 3.04
N GLU A 33 -0.34 -12.18 3.64
CA GLU A 33 -0.10 -11.21 4.70
C GLU A 33 1.26 -10.56 4.53
N ILE A 34 1.27 -9.39 3.93
CA ILE A 34 2.50 -8.65 3.71
C ILE A 34 2.46 -7.34 4.49
N HIS A 35 3.49 -7.09 5.28
CA HIS A 35 3.54 -5.87 6.07
C HIS A 35 4.19 -4.73 5.27
N PHE A 36 4.06 -3.52 5.76
CA PHE A 36 4.64 -2.37 5.08
C PHE A 36 5.17 -1.34 6.07
N LYS A 37 6.40 -0.89 5.84
CA LYS A 37 6.98 0.15 6.69
C LYS A 37 6.86 1.51 6.01
N VAL A 38 5.81 2.26 6.36
CA VAL A 38 5.58 3.58 5.78
C VAL A 38 5.62 4.66 6.84
N LYS A 39 5.60 5.92 6.41
CA LYS A 39 5.62 7.06 7.31
C LYS A 39 4.47 7.99 6.98
N MET A 40 3.93 8.67 7.97
CA MET A 40 2.82 9.58 7.74
C MET A 40 3.33 10.95 7.29
N THR A 41 3.54 11.07 5.99
CA THR A 41 4.00 12.29 5.36
C THR A 41 3.85 12.14 3.85
N THR A 42 4.30 11.00 3.35
CA THR A 42 4.23 10.68 1.95
C THR A 42 2.81 10.27 1.56
N HIS A 43 2.44 10.56 0.32
CA HIS A 43 1.11 10.23 -0.19
C HIS A 43 0.94 8.72 -0.29
N LEU A 44 -0.30 8.25 -0.24
CA LEU A 44 -0.57 6.82 -0.35
C LEU A 44 -0.29 6.33 -1.76
N LYS A 45 -0.05 7.28 -2.66
CA LYS A 45 0.28 6.97 -4.04
C LYS A 45 1.58 6.18 -4.07
N LYS A 46 2.51 6.58 -3.22
CA LYS A 46 3.81 5.92 -3.13
C LYS A 46 3.62 4.48 -2.67
N LEU A 47 2.70 4.27 -1.74
CA LEU A 47 2.40 2.94 -1.22
C LEU A 47 1.96 2.02 -2.35
N LYS A 48 1.11 2.53 -3.21
CA LYS A 48 0.59 1.76 -4.34
C LYS A 48 1.66 1.47 -5.39
N GLU A 49 2.33 2.52 -5.88
CA GLU A 49 3.35 2.37 -6.91
C GLU A 49 4.54 1.52 -6.46
N SER A 50 5.00 1.74 -5.24
CA SER A 50 6.16 0.99 -4.75
C SER A 50 5.83 -0.49 -4.59
N TYR A 51 4.59 -0.80 -4.23
CA TYR A 51 4.18 -2.18 -4.07
C TYR A 51 4.10 -2.84 -5.44
N CYS A 52 3.56 -2.10 -6.42
CA CYS A 52 3.44 -2.61 -7.77
C CYS A 52 4.82 -2.92 -8.34
N GLN A 53 5.80 -2.10 -7.96
CA GLN A 53 7.17 -2.28 -8.39
C GLN A 53 7.73 -3.60 -7.87
N ARG A 54 7.36 -3.96 -6.65
CA ARG A 54 7.81 -5.20 -6.05
C ARG A 54 7.05 -6.38 -6.64
N GLN A 55 5.76 -6.20 -6.88
CA GLN A 55 4.93 -7.24 -7.46
C GLN A 55 5.32 -7.49 -8.91
N GLY A 56 5.93 -6.48 -9.53
CA GLY A 56 6.36 -6.61 -10.90
C GLY A 56 5.24 -6.31 -11.89
N VAL A 57 4.30 -5.50 -11.46
CA VAL A 57 3.16 -5.15 -12.30
C VAL A 57 3.14 -3.65 -12.58
N PRO A 58 2.56 -3.24 -13.72
CA PRO A 58 2.47 -1.83 -14.09
C PRO A 58 1.49 -1.07 -13.20
N MET A 59 1.41 0.24 -13.37
CA MET A 59 0.51 1.06 -12.58
C MET A 59 -0.93 0.88 -13.03
N ASN A 60 -1.85 1.02 -12.07
CA ASN A 60 -3.28 0.90 -12.33
C ASN A 60 -3.70 -0.54 -12.65
N SER A 61 -2.83 -1.49 -12.33
CA SER A 61 -3.15 -2.90 -12.58
C SER A 61 -3.79 -3.50 -11.34
N LEU A 62 -3.47 -2.93 -10.18
CA LEU A 62 -4.01 -3.39 -8.91
C LEU A 62 -4.78 -2.26 -8.22
N ARG A 63 -5.82 -2.61 -7.51
CA ARG A 63 -6.61 -1.65 -6.77
C ARG A 63 -6.56 -1.99 -5.29
N PHE A 64 -6.28 -1.00 -4.47
CA PHE A 64 -6.18 -1.19 -3.04
C PHE A 64 -7.46 -0.75 -2.35
N LEU A 65 -7.95 -1.59 -1.44
CA LEU A 65 -9.18 -1.29 -0.71
C LEU A 65 -8.88 -1.13 0.78
N PHE A 66 -9.40 -0.06 1.35
CA PHE A 66 -9.22 0.23 2.76
C PHE A 66 -10.57 0.65 3.34
N GLU A 67 -11.10 -0.16 4.27
CA GLU A 67 -12.38 0.12 4.90
C GLU A 67 -13.51 0.12 3.88
N GLY A 68 -13.28 -0.56 2.76
CA GLY A 68 -14.27 -0.64 1.72
C GLY A 68 -14.07 0.42 0.65
N GLN A 69 -13.22 1.39 0.93
CA GLN A 69 -12.96 2.46 -0.03
C GLN A 69 -11.61 2.24 -0.70
N ARG A 70 -11.55 2.48 -2.00
CA ARG A 70 -10.30 2.29 -2.74
C ARG A 70 -9.34 3.45 -2.46
N ILE A 71 -8.06 3.11 -2.37
CA ILE A 71 -7.03 4.10 -2.08
C ILE A 71 -6.71 4.95 -3.30
N ALA A 72 -6.95 6.25 -3.18
CA ALA A 72 -6.68 7.19 -4.25
C ALA A 72 -5.26 7.71 -4.13
N ASP A 73 -4.69 8.18 -5.23
CA ASP A 73 -3.32 8.70 -5.23
C ASP A 73 -3.24 9.99 -4.42
N ASN A 74 -4.34 10.72 -4.37
CA ASN A 74 -4.40 11.96 -3.62
C ASN A 74 -4.67 11.71 -2.15
N HIS A 75 -4.90 10.46 -1.79
CA HIS A 75 -5.18 10.11 -0.40
C HIS A 75 -3.89 9.99 0.40
N THR A 76 -3.96 10.38 1.66
CA THR A 76 -2.83 10.31 2.57
C THR A 76 -3.23 9.56 3.83
N PRO A 77 -2.25 9.05 4.61
CA PRO A 77 -2.53 8.33 5.87
C PRO A 77 -3.17 9.25 6.91
N LYS A 78 -3.15 10.55 6.64
CA LYS A 78 -3.72 11.54 7.54
C LYS A 78 -5.25 11.46 7.53
N GLU A 79 -5.79 11.17 6.35
CA GLU A 79 -7.24 11.05 6.20
C GLU A 79 -7.62 9.58 6.25
N LEU A 80 -8.93 9.29 6.10
CA LEU A 80 -9.47 7.93 6.13
C LEU A 80 -9.48 7.38 7.56
N GLY A 81 -8.35 7.51 8.25
CA GLY A 81 -8.26 7.03 9.61
C GLY A 81 -7.35 5.82 9.73
N MET A 82 -6.15 5.93 9.18
CA MET A 82 -5.18 4.84 9.22
C MET A 82 -4.53 4.76 10.60
N GLU A 83 -4.38 3.54 11.10
CA GLU A 83 -3.77 3.32 12.39
C GLU A 83 -2.57 2.38 12.26
N GLU A 84 -1.85 2.19 13.36
CA GLU A 84 -0.67 1.33 13.38
C GLU A 84 -1.05 -0.11 13.09
N GLU A 85 -0.35 -0.72 12.14
CA GLU A 85 -0.60 -2.11 11.74
C GLU A 85 -2.04 -2.29 11.28
N ASP A 86 -2.47 -1.41 10.39
CA ASP A 86 -3.83 -1.47 9.85
C ASP A 86 -3.91 -2.54 8.77
N VAL A 87 -5.09 -2.72 8.20
CA VAL A 87 -5.30 -3.72 7.16
C VAL A 87 -5.73 -3.08 5.85
N ILE A 88 -5.07 -3.48 4.77
CA ILE A 88 -5.38 -2.97 3.44
C ILE A 88 -5.43 -4.13 2.45
N GLU A 89 -6.47 -4.18 1.63
CA GLU A 89 -6.63 -5.25 0.66
C GLU A 89 -6.16 -4.85 -0.72
N VAL A 90 -5.71 -5.83 -1.49
CA VAL A 90 -5.24 -5.58 -2.84
C VAL A 90 -5.88 -6.55 -3.83
N TYR A 91 -6.48 -6.02 -4.87
CA TYR A 91 -7.12 -6.84 -5.89
C TYR A 91 -6.69 -6.39 -7.27
N GLN A 92 -6.86 -7.24 -8.26
CA GLN A 92 -6.48 -6.91 -9.62
C GLN A 92 -7.60 -6.16 -10.34
N GLU A 93 -7.21 -5.23 -11.20
CA GLU A 93 -8.18 -4.44 -11.95
C GLU A 93 -8.63 -5.17 -13.20
N GLN A 94 -9.94 -5.20 -13.42
CA GLN A 94 -10.51 -5.86 -14.58
C GLN A 94 -10.06 -5.15 -15.87
N THR A 95 -9.79 -3.85 -15.76
CA THR A 95 -9.35 -3.07 -16.90
C THR A 95 -7.95 -3.49 -17.36
N GLY A 96 -7.24 -4.22 -16.51
CA GLY A 96 -5.90 -4.66 -16.84
C GLY A 96 -4.84 -3.68 -16.39
N GLY A 97 -4.98 -2.44 -16.82
CA GLY A 97 -4.04 -1.42 -16.44
C GLY A 97 -3.45 -0.75 -17.66
N LYS B 1 4.43 -15.59 6.06
CA LYS B 1 5.08 -14.59 6.94
C LYS B 1 4.75 -13.19 6.48
N VAL B 2 4.81 -12.23 7.40
CA VAL B 2 4.52 -10.85 7.09
C VAL B 2 5.83 -10.07 6.98
N ASP B 3 6.20 -9.74 5.77
CA ASP B 3 7.43 -9.00 5.50
C ASP B 3 7.13 -7.52 5.35
N VAL B 4 7.86 -6.68 6.08
CA VAL B 4 7.67 -5.24 6.03
C VAL B 4 8.47 -4.66 4.89
N ILE B 5 7.79 -4.27 3.83
CA ILE B 5 8.46 -3.68 2.70
C ILE B 5 8.98 -2.31 3.08
N ASP B 6 10.28 -2.13 2.95
CA ASP B 6 10.94 -0.89 3.31
C ASP B 6 10.59 0.23 2.35
N LEU B 7 9.77 1.15 2.82
CA LEU B 7 9.41 2.30 2.01
C LEU B 7 9.88 3.58 2.69
N THR B 8 10.23 3.46 3.96
CA THR B 8 10.70 4.60 4.73
C THR B 8 12.19 4.85 4.49
N ILE B 9 12.70 4.33 3.40
CA ILE B 9 14.10 4.50 3.05
C ILE B 9 14.37 5.97 2.73
N GLU B 10 13.38 6.62 2.14
CA GLU B 10 13.48 8.02 1.79
C GLU B 10 12.71 8.86 2.80
N SER B 11 13.44 9.48 3.70
CA SER B 11 12.85 10.32 4.73
C SER B 11 13.61 11.63 4.82
N SER B 12 14.92 11.55 5.02
CA SER B 12 15.76 12.74 5.10
C SER B 12 16.87 12.71 4.07
N SER B 13 17.08 11.54 3.47
CA SER B 13 18.11 11.38 2.46
C SER B 13 17.52 10.78 1.18
N ASP B 14 18.16 11.06 0.06
CA ASP B 14 17.70 10.57 -1.23
C ASP B 14 18.20 9.15 -1.48
N TYR A 21 7.27 3.57 12.90
CA TYR A 21 6.65 3.74 11.57
C TYR A 21 5.38 2.92 11.48
N ILE A 22 4.39 3.43 10.75
CA ILE A 22 3.12 2.72 10.60
C ILE A 22 3.27 1.55 9.63
N LYS A 23 2.79 0.39 10.06
CA LYS A 23 2.85 -0.80 9.21
C LYS A 23 1.46 -1.19 8.75
N LEU A 24 1.31 -1.34 7.44
CA LEU A 24 0.03 -1.75 6.87
C LEU A 24 0.11 -3.21 6.46
N LYS A 25 -0.89 -3.99 6.82
CA LYS A 25 -0.90 -5.40 6.46
C LYS A 25 -1.78 -5.64 5.24
N VAL A 26 -1.14 -6.03 4.14
CA VAL A 26 -1.81 -6.29 2.90
C VAL A 26 -2.38 -7.71 2.90
N ILE A 27 -3.68 -7.83 2.74
CA ILE A 27 -4.33 -9.13 2.73
C ILE A 27 -4.75 -9.52 1.32
N GLY A 28 -4.28 -10.69 0.90
CA GLY A 28 -4.61 -11.20 -0.42
C GLY A 28 -5.81 -12.13 -0.40
N GLN A 29 -6.19 -12.61 -1.57
CA GLN A 29 -7.33 -13.51 -1.71
C GLN A 29 -7.02 -14.89 -1.11
N ASP A 30 -5.75 -15.28 -1.17
CA ASP A 30 -5.33 -16.57 -0.63
C ASP A 30 -4.98 -16.47 0.85
N SER A 31 -5.56 -15.47 1.52
CA SER A 31 -5.35 -15.23 2.94
C SER A 31 -3.89 -14.93 3.25
N SER A 32 -3.25 -14.19 2.36
CA SER A 32 -1.86 -13.82 2.55
C SER A 32 -1.76 -12.49 3.28
N GLU A 33 -0.73 -12.35 4.11
CA GLU A 33 -0.53 -11.12 4.87
C GLU A 33 0.88 -10.60 4.66
N ILE A 34 0.99 -9.40 4.11
CA ILE A 34 2.27 -8.76 3.86
C ILE A 34 2.34 -7.44 4.61
N HIS A 35 3.42 -7.22 5.35
CA HIS A 35 3.55 -5.98 6.11
C HIS A 35 4.20 -4.89 5.26
N PHE A 36 3.83 -3.66 5.51
CA PHE A 36 4.36 -2.53 4.77
C PHE A 36 4.78 -1.40 5.70
N LYS A 37 6.08 -1.14 5.76
CA LYS A 37 6.61 -0.07 6.59
C LYS A 37 6.47 1.28 5.90
N VAL A 38 5.48 2.05 6.28
CA VAL A 38 5.25 3.36 5.67
C VAL A 38 5.62 4.48 6.64
N LYS A 39 5.92 5.65 6.09
CA LYS A 39 6.29 6.80 6.90
C LYS A 39 5.23 7.88 6.79
N MET A 40 4.79 8.38 7.93
CA MET A 40 3.76 9.42 7.96
C MET A 40 4.34 10.75 7.48
N THR A 41 4.33 10.93 6.17
CA THR A 41 4.83 12.14 5.53
C THR A 41 4.34 12.18 4.08
N THR A 42 4.70 11.15 3.32
CA THR A 42 4.32 11.02 1.93
C THR A 42 2.90 10.47 1.80
N HIS A 43 2.21 10.89 0.74
CA HIS A 43 0.85 10.42 0.48
C HIS A 43 0.85 8.96 0.05
N LEU A 44 -0.32 8.43 -0.24
CA LEU A 44 -0.46 7.03 -0.64
C LEU A 44 -0.07 6.84 -2.10
N LYS A 45 0.24 7.95 -2.77
CA LYS A 45 0.65 7.92 -4.18
C LYS A 45 1.93 7.10 -4.33
N LYS A 46 2.95 7.46 -3.56
CA LYS A 46 4.23 6.77 -3.59
C LYS A 46 4.08 5.33 -3.11
N LEU A 47 3.22 5.14 -2.12
CA LEU A 47 2.99 3.83 -1.55
C LEU A 47 2.43 2.85 -2.58
N LYS A 48 1.49 3.33 -3.39
CA LYS A 48 0.87 2.50 -4.41
C LYS A 48 1.86 2.10 -5.52
N GLU A 49 2.56 3.07 -6.06
CA GLU A 49 3.50 2.82 -7.15
C GLU A 49 4.67 1.93 -6.72
N SER A 50 5.23 2.20 -5.55
CA SER A 50 6.36 1.42 -5.06
C SER A 50 5.97 -0.02 -4.81
N TYR A 51 4.73 -0.25 -4.38
CA TYR A 51 4.26 -1.60 -4.13
C TYR A 51 4.16 -2.37 -5.44
N CYS A 52 3.64 -1.71 -6.47
CA CYS A 52 3.48 -2.32 -7.78
C CYS A 52 4.82 -2.72 -8.36
N GLN A 53 5.84 -1.91 -8.08
CA GLN A 53 7.19 -2.18 -8.57
C GLN A 53 7.74 -3.44 -7.93
N ARG A 54 7.39 -3.67 -6.67
CA ARG A 54 7.86 -4.85 -5.96
C ARG A 54 7.16 -6.10 -6.49
N GLN A 55 5.90 -5.96 -6.86
CA GLN A 55 5.14 -7.09 -7.37
C GLN A 55 5.45 -7.33 -8.84
N GLY A 56 6.11 -6.36 -9.46
CA GLY A 56 6.48 -6.48 -10.86
C GLY A 56 5.29 -6.32 -11.79
N VAL A 57 4.41 -5.39 -11.47
CA VAL A 57 3.23 -5.13 -12.28
C VAL A 57 3.00 -3.63 -12.43
N PRO A 58 2.30 -3.20 -13.48
CA PRO A 58 2.01 -1.78 -13.72
C PRO A 58 1.11 -1.17 -12.64
N MET A 59 1.34 0.11 -12.36
CA MET A 59 0.56 0.82 -11.33
C MET A 59 -0.81 1.23 -11.88
N ASN A 60 -1.56 0.27 -12.37
CA ASN A 60 -2.89 0.51 -12.91
C ASN A 60 -3.74 -0.74 -12.89
N SER A 61 -3.12 -1.89 -12.72
CA SER A 61 -3.83 -3.15 -12.69
C SER A 61 -4.12 -3.60 -11.25
N LEU A 62 -3.54 -2.90 -10.29
CA LEU A 62 -3.74 -3.24 -8.89
C LEU A 62 -4.47 -2.12 -8.17
N ARG A 63 -5.57 -2.46 -7.51
CA ARG A 63 -6.35 -1.50 -6.76
C ARG A 63 -6.29 -1.82 -5.27
N PHE A 64 -5.95 -0.82 -4.48
CA PHE A 64 -5.87 -0.99 -3.04
C PHE A 64 -7.17 -0.53 -2.40
N LEU A 65 -7.70 -1.34 -1.49
CA LEU A 65 -8.95 -1.02 -0.82
C LEU A 65 -8.75 -0.88 0.68
N PHE A 66 -9.47 0.07 1.26
CA PHE A 66 -9.42 0.33 2.69
C PHE A 66 -10.84 0.52 3.20
N GLU A 67 -11.34 -0.48 3.94
CA GLU A 67 -12.69 -0.43 4.50
C GLU A 67 -13.74 -0.33 3.40
N GLY A 68 -13.47 -0.97 2.27
CA GLY A 68 -14.40 -0.94 1.15
C GLY A 68 -14.15 0.20 0.20
N GLN A 69 -13.45 1.23 0.68
CA GLN A 69 -13.15 2.40 -0.14
C GLN A 69 -11.83 2.19 -0.88
N ARG A 70 -11.81 2.49 -2.16
CA ARG A 70 -10.57 2.33 -2.93
C ARG A 70 -9.62 3.47 -2.65
N ILE A 71 -8.35 3.14 -2.51
CA ILE A 71 -7.32 4.12 -2.21
C ILE A 71 -6.90 4.88 -3.46
N ALA A 72 -7.25 6.16 -3.50
CA ALA A 72 -6.90 7.00 -4.61
C ALA A 72 -5.48 7.50 -4.46
N ASP A 73 -4.91 7.99 -5.55
CA ASP A 73 -3.55 8.49 -5.56
C ASP A 73 -3.40 9.73 -4.68
N ASN A 74 -4.46 10.50 -4.58
CA ASN A 74 -4.47 11.72 -3.79
C ASN A 74 -4.73 11.46 -2.31
N HIS A 75 -4.82 10.18 -1.95
CA HIS A 75 -5.07 9.80 -0.56
C HIS A 75 -3.78 9.84 0.26
N THR A 76 -3.92 9.82 1.58
CA THR A 76 -2.78 9.86 2.47
C THR A 76 -3.17 9.24 3.81
N PRO A 77 -2.23 8.56 4.50
CA PRO A 77 -2.48 7.94 5.81
C PRO A 77 -3.00 8.93 6.85
N LYS A 78 -2.82 10.21 6.57
CA LYS A 78 -3.28 11.27 7.46
C LYS A 78 -4.80 11.41 7.42
N GLU A 79 -5.42 10.83 6.39
CA GLU A 79 -6.86 10.88 6.26
C GLU A 79 -7.42 9.45 6.27
N LEU A 80 -8.74 9.34 6.32
CA LEU A 80 -9.44 8.04 6.36
C LEU A 80 -9.27 7.35 7.71
N GLY A 81 -8.50 7.97 8.59
CA GLY A 81 -8.27 7.42 9.90
C GLY A 81 -7.39 6.18 9.88
N MET A 82 -6.28 6.25 9.16
CA MET A 82 -5.36 5.11 9.09
C MET A 82 -4.61 4.98 10.40
N GLU A 83 -4.55 3.77 10.94
CA GLU A 83 -3.89 3.53 12.21
C GLU A 83 -2.74 2.53 12.06
N GLU A 84 -2.06 2.28 13.17
CA GLU A 84 -0.95 1.34 13.20
C GLU A 84 -1.44 -0.09 12.98
N GLU A 85 -0.69 -0.85 12.18
CA GLU A 85 -1.05 -2.24 11.87
C GLU A 85 -2.44 -2.32 11.24
N ASP A 86 -2.73 -1.36 10.38
CA ASP A 86 -4.02 -1.30 9.71
C ASP A 86 -4.06 -2.31 8.57
N VAL A 87 -5.25 -2.59 8.08
CA VAL A 87 -5.43 -3.57 7.01
C VAL A 87 -5.67 -2.90 5.66
N ILE A 88 -4.96 -3.37 4.66
CA ILE A 88 -5.10 -2.86 3.31
C ILE A 88 -5.21 -4.03 2.35
N GLU A 89 -6.23 -4.04 1.51
CA GLU A 89 -6.45 -5.13 0.59
C GLU A 89 -6.05 -4.72 -0.82
N VAL A 90 -5.45 -5.66 -1.55
CA VAL A 90 -5.04 -5.39 -2.92
C VAL A 90 -5.72 -6.38 -3.87
N TYR A 91 -6.36 -5.83 -4.89
CA TYR A 91 -7.05 -6.65 -5.88
C TYR A 91 -6.65 -6.21 -7.28
N GLN A 92 -6.96 -7.03 -8.26
CA GLN A 92 -6.60 -6.71 -9.63
C GLN A 92 -7.78 -6.07 -10.36
N GLU A 93 -7.48 -5.05 -11.15
CA GLU A 93 -8.50 -4.35 -11.92
C GLU A 93 -8.91 -5.20 -13.13
N GLN A 94 -10.17 -5.11 -13.51
CA GLN A 94 -10.70 -5.88 -14.63
C GLN A 94 -10.12 -5.39 -15.96
N THR A 95 -9.72 -4.13 -15.99
CA THR A 95 -9.16 -3.53 -17.19
C THR A 95 -7.77 -4.08 -17.50
N GLY A 96 -7.14 -4.68 -16.49
CA GLY A 96 -5.81 -5.24 -16.67
C GLY A 96 -4.73 -4.18 -16.60
N GLY A 97 -5.13 -2.94 -16.42
CA GLY A 97 -4.18 -1.86 -16.34
C GLY A 97 -4.49 -0.77 -17.34
N LYS B 1 3.94 -14.85 2.67
CA LYS B 1 5.01 -14.50 3.63
C LYS B 1 4.92 -13.04 4.02
N VAL B 2 5.06 -12.76 5.31
CA VAL B 2 5.02 -11.40 5.79
C VAL B 2 6.37 -10.75 5.55
N ASP B 3 6.43 -9.91 4.54
CA ASP B 3 7.64 -9.19 4.20
C ASP B 3 7.36 -7.71 4.30
N VAL B 4 7.99 -7.05 5.26
CA VAL B 4 7.75 -5.65 5.47
C VAL B 4 8.61 -4.80 4.55
N ILE B 5 7.95 -4.17 3.60
CA ILE B 5 8.63 -3.32 2.63
C ILE B 5 8.97 -1.99 3.27
N ASP B 6 10.26 -1.69 3.36
CA ASP B 6 10.70 -0.44 3.95
C ASP B 6 10.52 0.71 3.00
N LEU B 7 9.54 1.54 3.25
CA LEU B 7 9.31 2.69 2.40
C LEU B 7 9.60 3.96 3.18
N THR B 8 10.21 3.77 4.35
CA THR B 8 10.56 4.88 5.22
C THR B 8 12.00 5.32 4.95
N ILE B 9 12.57 4.76 3.89
CA ILE B 9 13.94 5.05 3.51
C ILE B 9 14.12 6.54 3.17
N GLU B 10 15.06 7.16 3.86
CA GLU B 10 15.36 8.58 3.66
C GLU B 10 16.75 8.73 3.04
N SER B 11 17.62 7.78 3.35
CA SER B 11 18.98 7.78 2.85
C SER B 11 19.04 7.17 1.44
N SER B 12 20.24 7.10 0.88
CA SER B 12 20.41 6.54 -0.46
C SER B 12 20.57 5.02 -0.41
N SER B 13 21.08 4.50 0.70
CA SER B 13 21.28 3.08 0.85
C SER B 13 19.94 2.36 1.06
N ASP B 14 19.50 1.64 0.02
CA ASP B 14 18.24 0.91 0.07
C ASP B 14 18.25 -0.15 1.18
N TYR A 21 8.41 2.99 12.87
CA TYR A 21 7.62 3.40 11.69
C TYR A 21 6.29 2.65 11.67
N ILE A 22 5.39 3.08 10.81
CA ILE A 22 4.07 2.48 10.70
C ILE A 22 4.12 1.18 9.91
N LYS A 23 3.33 0.20 10.33
CA LYS A 23 3.26 -1.08 9.63
C LYS A 23 1.83 -1.35 9.18
N LEU A 24 1.64 -1.48 7.88
CA LEU A 24 0.33 -1.76 7.32
C LEU A 24 0.23 -3.23 6.93
N LYS A 25 -0.94 -3.80 7.09
CA LYS A 25 -1.16 -5.21 6.76
C LYS A 25 -1.86 -5.32 5.41
N VAL A 26 -1.08 -5.67 4.39
CA VAL A 26 -1.62 -5.84 3.04
C VAL A 26 -2.10 -7.27 2.87
N ILE A 27 -3.36 -7.42 2.47
CA ILE A 27 -3.96 -8.73 2.29
C ILE A 27 -4.41 -8.94 0.83
N GLY A 28 -4.14 -10.14 0.31
CA GLY A 28 -4.54 -10.46 -1.05
C GLY A 28 -5.61 -11.54 -1.08
N GLN A 29 -6.16 -11.81 -2.27
CA GLN A 29 -7.21 -12.80 -2.44
C GLN A 29 -6.69 -14.22 -2.13
N ASP A 30 -5.38 -14.38 -2.17
CA ASP A 30 -4.77 -15.68 -1.89
C ASP A 30 -4.45 -15.81 -0.41
N SER A 31 -5.11 -14.97 0.40
CA SER A 31 -4.94 -14.96 1.85
C SER A 31 -3.49 -14.69 2.24
N SER A 32 -2.86 -13.78 1.51
CA SER A 32 -1.48 -13.41 1.77
C SER A 32 -1.42 -12.24 2.75
N GLU A 33 -0.43 -12.27 3.63
CA GLU A 33 -0.26 -11.21 4.61
C GLU A 33 1.12 -10.58 4.47
N ILE A 34 1.15 -9.31 4.08
CA ILE A 34 2.39 -8.59 3.88
C ILE A 34 2.40 -7.31 4.70
N HIS A 35 3.50 -7.05 5.40
CA HIS A 35 3.61 -5.85 6.21
C HIS A 35 4.25 -4.73 5.39
N PHE A 36 3.89 -3.50 5.70
CA PHE A 36 4.42 -2.36 4.98
C PHE A 36 4.94 -1.29 5.92
N LYS A 37 6.26 -1.13 5.98
CA LYS A 37 6.87 -0.10 6.81
C LYS A 37 6.84 1.24 6.09
N VAL A 38 5.90 2.09 6.46
CA VAL A 38 5.76 3.38 5.82
C VAL A 38 6.02 4.54 6.79
N LYS A 39 6.18 5.73 6.22
CA LYS A 39 6.43 6.93 7.00
C LYS A 39 5.25 7.88 6.83
N MET A 40 4.80 8.48 7.93
CA MET A 40 3.67 9.39 7.88
C MET A 40 4.11 10.75 7.33
N THR A 41 4.11 10.86 6.00
CA THR A 41 4.48 12.09 5.31
C THR A 41 4.16 11.97 3.83
N THR A 42 4.51 10.82 3.26
CA THR A 42 4.29 10.56 1.85
C THR A 42 2.82 10.22 1.59
N HIS A 43 2.34 10.58 0.41
CA HIS A 43 0.96 10.31 0.02
C HIS A 43 0.75 8.80 -0.14
N LEU A 44 -0.50 8.39 -0.25
CA LEU A 44 -0.83 6.98 -0.40
C LEU A 44 -0.53 6.49 -1.81
N LYS A 45 -0.11 7.42 -2.68
CA LYS A 45 0.24 7.08 -4.05
C LYS A 45 1.45 6.15 -4.04
N LYS A 46 2.45 6.53 -3.25
CA LYS A 46 3.69 5.75 -3.12
C LYS A 46 3.37 4.33 -2.67
N LEU A 47 2.43 4.21 -1.75
CA LEU A 47 2.02 2.92 -1.20
C LEU A 47 1.56 1.97 -2.31
N LYS A 48 0.86 2.53 -3.28
CA LYS A 48 0.33 1.75 -4.39
C LYS A 48 1.39 1.43 -5.44
N GLU A 49 2.03 2.47 -5.97
CA GLU A 49 3.03 2.31 -7.02
C GLU A 49 4.25 1.49 -6.57
N SER A 50 4.77 1.77 -5.38
CA SER A 50 5.94 1.06 -4.88
C SER A 50 5.65 -0.43 -4.69
N TYR A 51 4.41 -0.75 -4.29
CA TYR A 51 4.03 -2.13 -4.11
C TYR A 51 4.01 -2.84 -5.45
N CYS A 52 3.42 -2.19 -6.45
CA CYS A 52 3.34 -2.74 -7.79
C CYS A 52 4.73 -2.94 -8.37
N GLN A 53 5.63 -2.01 -8.07
CA GLN A 53 7.01 -2.07 -8.54
C GLN A 53 7.71 -3.32 -8.03
N ARG A 54 7.53 -3.62 -6.74
CA ARG A 54 8.16 -4.79 -6.15
C ARG A 54 7.43 -6.07 -6.56
N GLN A 55 6.16 -5.94 -6.91
CA GLN A 55 5.35 -7.07 -7.33
C GLN A 55 5.72 -7.48 -8.76
N GLY A 56 6.08 -6.49 -9.56
CA GLY A 56 6.43 -6.74 -10.93
C GLY A 56 5.27 -6.52 -11.87
N VAL A 57 4.41 -5.57 -11.52
CA VAL A 57 3.25 -5.26 -12.35
C VAL A 57 3.15 -3.77 -12.59
N PRO A 58 2.54 -3.36 -13.71
CA PRO A 58 2.38 -1.95 -14.07
C PRO A 58 1.44 -1.23 -13.10
N MET A 59 1.62 0.08 -12.98
CA MET A 59 0.79 0.89 -12.10
C MET A 59 -0.65 0.93 -12.61
N ASN A 60 -1.59 0.96 -11.67
CA ASN A 60 -3.03 1.01 -11.97
C ASN A 60 -3.59 -0.35 -12.40
N SER A 61 -2.79 -1.40 -12.25
CA SER A 61 -3.26 -2.73 -12.60
C SER A 61 -3.90 -3.38 -11.38
N LEU A 62 -3.60 -2.82 -10.21
CA LEU A 62 -4.13 -3.31 -8.96
C LEU A 62 -4.85 -2.19 -8.22
N ARG A 63 -5.86 -2.55 -7.45
CA ARG A 63 -6.61 -1.58 -6.68
C ARG A 63 -6.51 -1.90 -5.20
N PHE A 64 -6.14 -0.90 -4.41
CA PHE A 64 -5.99 -1.09 -2.98
C PHE A 64 -7.26 -0.63 -2.28
N LEU A 65 -7.76 -1.46 -1.37
CA LEU A 65 -8.97 -1.16 -0.64
C LEU A 65 -8.69 -0.90 0.83
N PHE A 66 -9.38 0.10 1.36
CA PHE A 66 -9.25 0.49 2.75
C PHE A 66 -10.65 0.81 3.28
N GLU A 67 -11.14 -0.05 4.16
CA GLU A 67 -12.48 0.11 4.75
C GLU A 67 -13.56 -0.01 3.68
N GLY A 68 -13.30 -0.82 2.67
CA GLY A 68 -14.27 -1.02 1.61
C GLY A 68 -14.05 -0.11 0.42
N GLN A 69 -13.53 1.09 0.67
CA GLN A 69 -13.28 2.05 -0.39
C GLN A 69 -11.91 1.84 -0.99
N ARG A 70 -11.68 2.36 -2.19
CA ARG A 70 -10.39 2.22 -2.84
C ARG A 70 -9.50 3.42 -2.54
N ILE A 71 -8.21 3.15 -2.39
CA ILE A 71 -7.24 4.19 -2.08
C ILE A 71 -6.86 5.00 -3.32
N ALA A 72 -7.09 6.30 -3.25
CA ALA A 72 -6.76 7.19 -4.36
C ALA A 72 -5.33 7.68 -4.22
N ASP A 73 -4.73 8.09 -5.33
CA ASP A 73 -3.35 8.57 -5.34
C ASP A 73 -3.19 9.90 -4.61
N ASN A 74 -4.29 10.64 -4.49
CA ASN A 74 -4.25 11.94 -3.82
C ASN A 74 -4.65 11.83 -2.35
N HIS A 75 -4.79 10.61 -1.86
CA HIS A 75 -5.17 10.40 -0.47
C HIS A 75 -3.93 10.30 0.41
N THR A 76 -4.09 10.65 1.67
CA THR A 76 -3.00 10.62 2.62
C THR A 76 -3.31 9.73 3.82
N PRO A 77 -2.29 9.29 4.59
CA PRO A 77 -2.49 8.45 5.77
C PRO A 77 -3.17 9.23 6.91
N LYS A 78 -3.14 10.55 6.81
CA LYS A 78 -3.75 11.40 7.81
C LYS A 78 -5.27 11.34 7.70
N GLU A 79 -5.78 11.36 6.48
CA GLU A 79 -7.21 11.30 6.26
C GLU A 79 -7.70 9.86 6.26
N LEU A 80 -9.02 9.68 6.15
CA LEU A 80 -9.66 8.35 6.13
C LEU A 80 -9.66 7.70 7.52
N GLY A 81 -8.55 7.82 8.23
CA GLY A 81 -8.45 7.24 9.55
C GLY A 81 -7.56 6.01 9.57
N MET A 82 -6.35 6.17 9.07
CA MET A 82 -5.39 5.08 9.01
C MET A 82 -4.56 5.04 10.28
N GLU A 83 -4.70 3.97 11.03
CA GLU A 83 -3.99 3.82 12.29
C GLU A 83 -2.82 2.85 12.14
N GLU A 84 -2.11 2.63 13.24
CA GLU A 84 -0.98 1.71 13.28
C GLU A 84 -1.51 0.28 13.22
N GLU A 85 -0.79 -0.59 12.51
CA GLU A 85 -1.20 -2.00 12.35
C GLU A 85 -2.56 -2.06 11.67
N ASP A 86 -2.75 -1.23 10.67
CA ASP A 86 -4.01 -1.18 9.93
C ASP A 86 -4.03 -2.21 8.82
N VAL A 87 -5.19 -2.37 8.19
CA VAL A 87 -5.33 -3.36 7.12
C VAL A 87 -5.68 -2.70 5.79
N ILE A 88 -5.07 -3.19 4.73
CA ILE A 88 -5.30 -2.69 3.39
C ILE A 88 -5.27 -3.86 2.40
N GLU A 89 -6.31 -3.98 1.59
CA GLU A 89 -6.41 -5.08 0.64
C GLU A 89 -5.95 -4.65 -0.75
N VAL A 90 -5.60 -5.63 -1.57
CA VAL A 90 -5.17 -5.36 -2.93
C VAL A 90 -5.79 -6.39 -3.88
N TYR A 91 -6.44 -5.90 -4.93
CA TYR A 91 -7.08 -6.78 -5.91
C TYR A 91 -6.72 -6.34 -7.32
N GLN A 92 -6.74 -7.29 -8.25
CA GLN A 92 -6.40 -7.02 -9.64
C GLN A 92 -7.56 -6.35 -10.36
N GLU A 93 -7.26 -5.30 -11.11
CA GLU A 93 -8.27 -4.58 -11.86
C GLU A 93 -8.64 -5.36 -13.12
N GLN A 94 -9.91 -5.32 -13.48
CA GLN A 94 -10.42 -6.02 -14.66
C GLN A 94 -9.78 -5.49 -15.93
N THR A 95 -9.30 -4.26 -15.86
CA THR A 95 -8.66 -3.60 -16.99
C THR A 95 -7.28 -4.21 -17.25
N GLY A 96 -6.65 -4.69 -16.18
CA GLY A 96 -5.33 -5.27 -16.29
C GLY A 96 -4.24 -4.23 -16.41
N GLY A 97 -4.59 -2.99 -16.09
CA GLY A 97 -3.62 -1.91 -16.18
C GLY A 97 -4.03 -0.91 -17.24
N LYS B 1 4.78 -15.62 7.70
CA LYS B 1 5.59 -14.43 8.05
C LYS B 1 5.21 -13.27 7.14
N VAL B 2 5.13 -12.09 7.72
CA VAL B 2 4.79 -10.90 6.96
C VAL B 2 6.04 -10.14 6.54
N ASP B 3 6.34 -10.15 5.26
CA ASP B 3 7.50 -9.44 4.75
C ASP B 3 7.19 -7.95 4.77
N VAL B 4 8.01 -7.18 5.48
CA VAL B 4 7.78 -5.75 5.59
C VAL B 4 8.55 -4.99 4.54
N ILE B 5 7.83 -4.48 3.55
CA ILE B 5 8.45 -3.71 2.49
C ILE B 5 8.90 -2.37 3.06
N ASP B 6 10.16 -2.01 2.83
CA ASP B 6 10.68 -0.75 3.35
C ASP B 6 10.28 0.42 2.47
N LEU B 7 9.34 1.21 2.94
CA LEU B 7 8.91 2.37 2.21
C LEU B 7 9.19 3.60 3.06
N THR B 8 10.07 3.41 4.04
CA THR B 8 10.47 4.46 4.95
C THR B 8 11.41 5.46 4.27
N ILE B 9 11.69 5.23 3.00
CA ILE B 9 12.58 6.07 2.23
C ILE B 9 11.85 7.33 1.75
N GLU B 10 11.63 8.25 2.68
CA GLU B 10 10.96 9.50 2.38
C GLU B 10 11.91 10.42 1.61
N SER B 11 11.41 11.03 0.55
CA SER B 11 12.22 11.93 -0.26
C SER B 11 12.48 13.25 0.47
N SER B 12 11.53 13.67 1.28
CA SER B 12 11.67 14.91 2.04
C SER B 12 12.73 14.76 3.13
N SER B 13 12.76 13.57 3.73
CA SER B 13 13.72 13.27 4.79
C SER B 13 14.22 11.85 4.63
N ASP B 14 15.42 11.70 4.09
CA ASP B 14 16.02 10.40 3.89
C ASP B 14 16.40 9.74 5.21
#